data_6E5C
#
_entry.id   6E5C
#
_entity_poly.entity_id   1
_entity_poly.type   'polypeptide(L)'
_entity_poly.pdbx_seq_one_letter_code
;TRETKVTVNPGEEYEVKVNPGTRVEIQAKGPAEFEGGGTRTRLNPGESYKFENLTSQPLRIRLRNLSDTPIEFRIREE
;
_entity_poly.pdbx_strand_id   A
#
# COMPACT_ATOMS: atom_id res chain seq x y z
N THR A 1 -9.46 3.48 -14.18
CA THR A 1 -9.43 3.67 -12.73
C THR A 1 -10.33 2.67 -12.03
N ARG A 2 -9.82 2.06 -10.95
CA ARG A 2 -10.58 1.07 -10.21
C ARG A 2 -10.15 1.03 -8.75
N GLU A 3 -10.98 0.42 -7.91
CA GLU A 3 -10.65 0.25 -6.50
C GLU A 3 -10.95 -1.17 -6.03
N THR A 4 -10.18 -1.64 -5.05
CA THR A 4 -10.51 -2.88 -4.34
C THR A 4 -10.14 -2.78 -2.87
N LYS A 5 -10.22 -3.91 -2.17
CA LYS A 5 -9.98 -3.94 -0.73
C LYS A 5 -9.36 -5.25 -0.30
N VAL A 6 -8.32 -5.16 0.53
CA VAL A 6 -7.66 -6.34 1.05
C VAL A 6 -7.51 -6.27 2.57
N THR A 7 -7.34 -7.43 3.21
CA THR A 7 -7.11 -7.49 4.64
C THR A 7 -5.80 -8.17 4.98
N VAL A 8 -5.04 -7.58 5.90
CA VAL A 8 -3.75 -8.14 6.30
C VAL A 8 -3.72 -8.42 7.80
N ASN A 9 -3.31 -9.63 8.17
CA ASN A 9 -3.19 -9.99 9.58
C ASN A 9 -1.93 -9.41 10.19
N PRO A 10 -1.95 -9.26 11.52
CA PRO A 10 -0.79 -8.72 12.24
C PRO A 10 0.48 -9.46 11.87
N GLY A 11 1.53 -8.70 11.55
CA GLY A 11 2.82 -9.28 11.23
C GLY A 11 2.93 -9.61 9.75
N GLU A 12 1.80 -9.85 9.12
CA GLU A 12 1.77 -10.30 7.73
C GLU A 12 1.90 -9.13 6.77
N GLU A 13 2.16 -9.44 5.50
CA GLU A 13 2.41 -8.42 4.50
C GLU A 13 1.58 -8.65 3.24
N TYR A 14 1.41 -7.61 2.44
CA TYR A 14 0.74 -7.73 1.15
C TYR A 14 1.33 -6.76 0.14
N GLU A 15 1.49 -7.22 -1.10
CA GLU A 15 2.09 -6.41 -2.15
C GLU A 15 1.03 -5.80 -3.05
N VAL A 16 1.19 -4.52 -3.38
CA VAL A 16 0.30 -3.85 -4.32
C VAL A 16 1.03 -3.52 -5.62
N LYS A 17 0.50 -4.01 -6.72
CA LYS A 17 1.15 -3.86 -8.03
C LYS A 17 0.81 -2.50 -8.65
N VAL A 18 1.82 -1.86 -9.22
CA VAL A 18 1.61 -0.66 -10.02
C VAL A 18 2.30 -0.77 -11.37
N ASN A 19 1.61 -0.35 -12.42
CA ASN A 19 2.14 -0.43 -13.77
C ASN A 19 2.87 0.86 -14.15
N PRO A 20 3.85 0.73 -15.04
CA PRO A 20 4.59 1.89 -15.53
C PRO A 20 3.65 2.97 -16.04
N GLY A 21 3.87 4.20 -15.61
CA GLY A 21 3.09 5.34 -16.07
C GLY A 21 1.83 5.54 -15.22
N THR A 22 1.55 4.57 -14.36
CA THR A 22 0.37 4.63 -13.50
C THR A 22 0.75 4.89 -12.06
N ARG A 23 -0.25 5.12 -11.22
CA ARG A 23 -0.01 5.35 -9.79
C ARG A 23 -1.09 4.67 -8.95
N VAL A 24 -0.77 4.43 -7.68
CA VAL A 24 -1.73 3.83 -6.76
C VAL A 24 -1.84 4.63 -5.48
N GLU A 25 -2.92 4.40 -4.73
CA GLU A 25 -3.06 4.95 -3.39
C GLU A 25 -3.65 3.94 -2.43
N ILE A 26 -3.05 3.82 -1.24
CA ILE A 26 -3.52 2.89 -0.22
C ILE A 26 -3.90 3.63 1.06
N GLN A 27 -5.14 3.45 1.49
CA GLN A 27 -5.58 4.00 2.77
C GLN A 27 -5.62 2.93 3.85
N ALA A 28 -4.99 3.22 4.98
CA ALA A 28 -4.78 2.21 6.02
C ALA A 28 -5.75 2.42 7.18
N LYS A 29 -6.55 1.39 7.46
CA LYS A 29 -7.44 1.41 8.63
C LYS A 29 -6.69 1.03 9.89
N GLY A 30 -5.71 1.85 10.27
CA GLY A 30 -4.82 1.53 11.37
C GLY A 30 -3.36 1.75 11.01
N PRO A 31 -2.48 1.63 11.99
CA PRO A 31 -1.05 1.79 11.77
C PRO A 31 -0.55 0.82 10.71
N ALA A 32 0.28 1.31 9.79
CA ALA A 32 0.80 0.49 8.71
C ALA A 32 2.18 0.98 8.26
N GLU A 33 2.99 0.07 7.74
CA GLU A 33 4.28 0.42 7.17
C GLU A 33 4.33 0.13 5.67
N PHE A 34 4.94 1.04 4.92
CA PHE A 34 5.03 0.87 3.47
C PHE A 34 6.48 0.87 3.02
N GLU A 35 6.76 0.11 1.96
CA GLU A 35 8.08 0.14 1.32
C GLU A 35 7.95 0.14 -0.20
N GLY A 36 8.75 0.98 -0.85
CA GLY A 36 8.80 1.01 -2.30
C GLY A 36 9.59 2.22 -2.80
N GLY A 37 10.22 2.06 -3.97
CA GLY A 37 10.97 3.15 -4.57
C GLY A 37 12.28 3.41 -3.84
N GLY A 38 12.64 2.49 -2.94
CA GLY A 38 13.83 2.64 -2.12
C GLY A 38 13.54 3.45 -0.87
N THR A 39 12.27 3.80 -0.67
CA THR A 39 11.86 4.60 0.48
C THR A 39 10.90 3.83 1.38
N ARG A 40 10.71 4.33 2.59
CA ARG A 40 9.76 3.73 3.52
C ARG A 40 8.88 4.79 4.17
N THR A 41 7.61 4.46 4.39
CA THR A 41 6.67 5.37 5.02
C THR A 41 5.72 4.63 5.95
N ARG A 42 5.45 5.24 7.11
CA ARG A 42 4.43 4.72 8.02
C ARG A 42 3.24 5.67 8.11
N LEU A 43 2.04 5.11 8.20
CA LEU A 43 0.82 5.91 8.25
C LEU A 43 0.20 5.87 9.64
N ASN A 44 -0.48 6.96 10.01
CA ASN A 44 -1.47 6.92 11.08
C ASN A 44 -2.82 6.49 10.55
N PRO A 45 -3.69 6.02 11.45
CA PRO A 45 -5.04 5.62 11.09
C PRO A 45 -5.74 6.71 10.29
N GLY A 46 -6.29 6.33 9.13
CA GLY A 46 -7.06 7.25 8.31
C GLY A 46 -6.22 7.80 7.16
N GLU A 47 -4.91 7.83 7.35
CA GLU A 47 -4.00 8.38 6.35
C GLU A 47 -3.80 7.40 5.19
N SER A 48 -3.26 7.93 4.10
CA SER A 48 -3.06 7.11 2.89
C SER A 48 -1.65 7.29 2.35
N TYR A 49 -1.16 6.29 1.62
CA TYR A 49 0.14 6.36 0.99
C TYR A 49 0.02 6.30 -0.53
N LYS A 50 0.71 7.21 -1.21
CA LYS A 50 0.68 7.27 -2.67
C LYS A 50 1.99 6.80 -3.27
N PHE A 51 1.92 6.20 -4.46
CA PHE A 51 3.10 5.76 -5.17
C PHE A 51 2.89 5.84 -6.68
N GLU A 52 3.90 6.36 -7.38
CA GLU A 52 3.84 6.45 -8.84
C GLU A 52 5.02 5.73 -9.47
N ASN A 53 4.74 4.91 -10.48
CA ASN A 53 5.77 4.12 -11.14
C ASN A 53 6.42 4.91 -12.27
N LEU A 54 7.61 5.46 -12.00
CA LEU A 54 8.28 6.32 -12.97
C LEU A 54 9.33 5.54 -13.75
N THR A 55 9.25 4.22 -13.71
CA THR A 55 10.22 3.37 -14.38
C THR A 55 9.60 2.67 -15.58
N SER A 56 10.40 1.86 -16.28
CA SER A 56 9.92 1.10 -17.42
C SER A 56 9.39 -0.27 -16.99
N GLN A 57 9.56 -0.58 -15.71
CA GLN A 57 9.25 -1.91 -15.19
C GLN A 57 8.16 -1.86 -14.13
N PRO A 58 7.34 -2.91 -14.09
CA PRO A 58 6.35 -3.04 -13.03
C PRO A 58 6.99 -2.97 -11.65
N LEU A 59 6.32 -2.31 -10.72
CA LEU A 59 6.79 -2.22 -9.34
C LEU A 59 5.73 -2.70 -8.36
N ARG A 60 6.16 -3.01 -7.14
CA ARG A 60 5.23 -3.44 -6.10
C ARG A 60 5.45 -2.66 -4.81
N ILE A 61 4.35 -2.31 -4.16
CA ILE A 61 4.42 -1.60 -2.88
C ILE A 61 4.10 -2.54 -1.72
N ARG A 62 5.01 -2.61 -0.76
CA ARG A 62 4.86 -3.52 0.38
C ARG A 62 3.92 -2.93 1.43
N LEU A 63 2.95 -3.73 1.85
CA LEU A 63 2.15 -3.39 3.02
C LEU A 63 2.53 -4.26 4.21
N ARG A 64 2.56 -3.66 5.39
CA ARG A 64 2.78 -4.41 6.63
C ARG A 64 1.83 -3.93 7.73
N ASN A 65 1.19 -4.88 8.40
CA ASN A 65 0.29 -4.55 9.50
C ASN A 65 1.04 -4.38 10.81
N LEU A 66 1.04 -3.15 11.34
CA LEU A 66 1.81 -2.82 12.52
C LEU A 66 0.98 -3.02 13.78
N SER A 67 -0.29 -3.35 13.61
CA SER A 67 -1.23 -3.39 14.72
C SER A 67 -1.29 -4.78 15.35
N ASP A 68 -2.12 -4.92 16.37
CA ASP A 68 -2.35 -6.22 16.99
C ASP A 68 -3.59 -6.89 16.43
N THR A 69 -4.34 -6.15 15.61
CA THR A 69 -5.52 -6.69 14.96
C THR A 69 -5.42 -6.58 13.44
N PRO A 70 -6.19 -7.41 12.75
CA PRO A 70 -6.22 -7.36 11.28
C PRO A 70 -6.52 -5.95 10.78
N ILE A 71 -5.82 -5.55 9.72
CA ILE A 71 -5.96 -4.21 9.18
C ILE A 71 -6.56 -4.25 7.78
N GLU A 72 -7.45 -3.31 7.50
CA GLU A 72 -8.04 -3.18 6.17
C GLU A 72 -7.29 -2.13 5.34
N PHE A 73 -6.99 -2.48 4.09
CA PHE A 73 -6.40 -1.53 3.15
C PHE A 73 -7.34 -1.27 1.98
N ARG A 74 -7.60 0.01 1.72
CA ARG A 74 -8.35 0.41 0.54
C ARG A 74 -7.43 0.73 -0.63
N ILE A 75 -7.51 -0.07 -1.68
CA ILE A 75 -6.55 -0.01 -2.77
C ILE A 75 -7.14 0.68 -3.99
N ARG A 76 -6.54 1.81 -4.37
CA ARG A 76 -6.98 2.55 -5.54
C ARG A 76 -5.92 2.56 -6.63
N GLU A 77 -6.32 2.23 -7.85
CA GLU A 77 -5.40 2.19 -8.98
C GLU A 77 -5.81 3.18 -10.06
N GLU A 78 -4.87 4.04 -10.47
CA GLU A 78 -5.11 5.00 -11.54
C GLU A 78 -4.16 4.77 -12.70
N THR A 1 -9.00 2.60 -14.51
CA THR A 1 -9.09 2.94 -13.09
C THR A 1 -10.01 1.99 -12.35
N ARG A 2 -9.56 1.52 -11.19
CA ARG A 2 -10.33 0.56 -10.41
C ARG A 2 -10.03 0.71 -8.92
N GLU A 3 -10.91 0.15 -8.08
CA GLU A 3 -10.68 0.11 -6.65
C GLU A 3 -10.91 -1.29 -6.09
N THR A 4 -10.19 -1.64 -5.04
CA THR A 4 -10.39 -2.90 -4.35
C THR A 4 -10.15 -2.77 -2.85
N LYS A 5 -10.13 -3.90 -2.16
CA LYS A 5 -10.00 -3.90 -0.70
C LYS A 5 -9.27 -5.16 -0.22
N VAL A 6 -8.40 -4.98 0.75
CA VAL A 6 -7.66 -6.10 1.33
C VAL A 6 -7.61 -6.01 2.85
N THR A 7 -7.71 -7.15 3.52
CA THR A 7 -7.50 -7.22 4.96
C THR A 7 -6.21 -7.96 5.29
N VAL A 8 -5.41 -7.36 6.16
CA VAL A 8 -4.13 -7.97 6.56
C VAL A 8 -4.06 -8.15 8.08
N ASN A 9 -3.67 -9.33 8.51
CA ASN A 9 -3.56 -9.63 9.93
C ASN A 9 -2.18 -9.24 10.46
N PRO A 10 -2.08 -9.05 11.77
CA PRO A 10 -0.81 -8.72 12.41
C PRO A 10 0.28 -9.68 11.99
N GLY A 11 1.41 -9.12 11.55
CA GLY A 11 2.57 -9.94 11.17
C GLY A 11 2.56 -10.26 9.69
N GLU A 12 1.37 -10.21 9.08
CA GLU A 12 1.23 -10.55 7.67
C GLU A 12 1.58 -9.36 6.78
N GLU A 13 1.91 -9.65 5.53
CA GLU A 13 2.24 -8.61 4.57
C GLU A 13 1.43 -8.76 3.28
N TYR A 14 1.19 -7.64 2.61
CA TYR A 14 0.52 -7.66 1.32
C TYR A 14 1.37 -6.97 0.26
N GLU A 15 0.99 -7.15 -1.01
CA GLU A 15 1.77 -6.63 -2.13
C GLU A 15 0.87 -6.09 -3.22
N VAL A 16 1.22 -4.92 -3.76
CA VAL A 16 0.57 -4.40 -4.96
C VAL A 16 1.58 -4.21 -6.09
N LYS A 17 1.27 -4.77 -7.25
CA LYS A 17 2.12 -4.61 -8.43
C LYS A 17 1.71 -3.39 -9.24
N VAL A 18 2.69 -2.54 -9.55
CA VAL A 18 2.42 -1.27 -10.21
C VAL A 18 3.17 -1.17 -11.53
N ASN A 19 2.44 -0.91 -12.60
CA ASN A 19 3.04 -0.71 -13.92
C ASN A 19 3.41 0.76 -14.13
N PRO A 20 4.38 0.99 -15.01
CA PRO A 20 4.80 2.35 -15.33
C PRO A 20 3.61 3.21 -15.72
N GLY A 21 3.55 4.40 -15.15
CA GLY A 21 2.48 5.35 -15.47
C GLY A 21 1.34 5.27 -14.46
N THR A 22 1.21 4.10 -13.82
CA THR A 22 0.10 3.85 -12.91
C THR A 22 0.36 4.51 -11.56
N ARG A 23 -0.69 5.13 -11.01
CA ARG A 23 -0.65 5.64 -9.64
C ARG A 23 -1.50 4.79 -8.72
N VAL A 24 -1.07 4.63 -7.48
CA VAL A 24 -1.79 3.86 -6.48
C VAL A 24 -1.97 4.64 -5.18
N GLU A 25 -3.17 4.57 -4.61
CA GLU A 25 -3.42 5.13 -3.30
C GLU A 25 -3.96 4.07 -2.34
N ILE A 26 -3.32 3.94 -1.19
CA ILE A 26 -3.73 2.94 -0.20
C ILE A 26 -4.05 3.59 1.15
N GLN A 27 -5.30 3.51 1.55
CA GLN A 27 -5.74 4.11 2.81
C GLN A 27 -5.90 3.06 3.90
N ALA A 28 -5.26 3.30 5.05
CA ALA A 28 -5.22 2.33 6.13
C ALA A 28 -6.24 2.66 7.22
N LYS A 29 -6.81 1.63 7.81
CA LYS A 29 -7.64 1.79 9.00
C LYS A 29 -6.85 1.52 10.26
N GLY A 30 -5.52 1.46 10.13
CA GLY A 30 -4.65 1.20 11.26
C GLY A 30 -3.19 1.42 10.90
N PRO A 31 -2.32 1.37 11.90
CA PRO A 31 -0.89 1.56 11.68
C PRO A 31 -0.35 0.57 10.66
N ALA A 32 0.46 1.06 9.73
CA ALA A 32 1.01 0.23 8.67
C ALA A 32 2.38 0.75 8.21
N GLU A 33 3.19 -0.14 7.67
CA GLU A 33 4.45 0.25 7.05
C GLU A 33 4.42 -0.02 5.54
N PHE A 34 4.96 0.92 4.77
CA PHE A 34 5.02 0.78 3.33
C PHE A 34 6.46 0.81 2.83
N GLU A 35 6.74 0.04 1.79
CA GLU A 35 8.03 0.10 1.11
C GLU A 35 7.87 -0.06 -0.39
N GLY A 36 8.59 0.76 -1.15
CA GLY A 36 8.58 0.66 -2.60
C GLY A 36 9.24 1.88 -3.25
N GLY A 37 9.75 1.69 -4.46
CA GLY A 37 10.40 2.78 -5.18
C GLY A 37 11.76 3.11 -4.59
N GLY A 38 12.22 2.26 -3.67
CA GLY A 38 13.48 2.51 -2.97
C GLY A 38 13.26 3.38 -1.74
N THR A 39 12.00 3.65 -1.42
CA THR A 39 11.66 4.51 -0.29
C THR A 39 10.86 3.75 0.75
N ARG A 40 10.85 4.25 1.98
CA ARG A 40 10.03 3.69 3.05
C ARG A 40 9.28 4.79 3.79
N THR A 41 8.12 4.43 4.33
CA THR A 41 7.35 5.34 5.18
C THR A 41 6.39 4.58 6.08
N ARG A 42 6.07 5.18 7.22
CA ARG A 42 4.97 4.70 8.05
C ARG A 42 3.68 5.46 7.74
N LEU A 43 2.55 4.78 7.91
CA LEU A 43 1.25 5.40 7.68
C LEU A 43 0.37 5.32 8.93
N ASN A 44 -0.24 6.43 9.29
CA ASN A 44 -1.16 6.47 10.42
C ASN A 44 -2.59 6.18 9.99
N PRO A 45 -3.42 5.79 10.94
CA PRO A 45 -4.83 5.52 10.68
C PRO A 45 -5.49 6.71 9.98
N GLY A 46 -6.25 6.42 8.93
CA GLY A 46 -7.01 7.45 8.23
C GLY A 46 -6.23 8.01 7.06
N GLU A 47 -4.90 7.95 7.15
CA GLU A 47 -4.03 8.56 6.14
C GLU A 47 -3.95 7.69 4.89
N SER A 48 -3.56 8.30 3.78
CA SER A 48 -3.34 7.58 2.54
C SER A 48 -1.86 7.45 2.22
N TYR A 49 -1.46 6.29 1.72
CA TYR A 49 -0.15 6.13 1.09
C TYR A 49 -0.23 6.32 -0.42
N LYS A 50 0.62 7.20 -0.93
CA LYS A 50 0.63 7.50 -2.36
C LYS A 50 1.87 6.89 -3.03
N PHE A 51 1.67 6.37 -4.24
CA PHE A 51 2.76 5.79 -5.01
C PHE A 51 2.59 6.07 -6.50
N GLU A 52 3.69 6.41 -7.16
CA GLU A 52 3.69 6.62 -8.61
C GLU A 52 4.90 6.00 -9.27
N ASN A 53 4.67 5.19 -10.30
CA ASN A 53 5.74 4.50 -11.00
C ASN A 53 6.26 5.33 -12.17
N LEU A 54 7.40 5.97 -11.97
CA LEU A 54 7.98 6.84 -12.99
C LEU A 54 9.19 6.18 -13.65
N THR A 55 9.22 4.85 -13.65
CA THR A 55 10.34 4.11 -14.19
C THR A 55 9.96 3.42 -15.49
N SER A 56 10.87 2.59 -16.01
CA SER A 56 10.62 1.83 -17.22
C SER A 56 10.27 0.38 -16.90
N GLN A 57 10.07 0.09 -15.62
CA GLN A 57 9.81 -1.27 -15.17
C GLN A 57 8.72 -1.29 -14.10
N PRO A 58 8.00 -2.40 -14.02
CA PRO A 58 7.03 -2.62 -12.94
C PRO A 58 7.70 -2.49 -11.58
N LEU A 59 6.98 -1.90 -10.63
CA LEU A 59 7.46 -1.78 -9.26
C LEU A 59 6.52 -2.46 -8.28
N ARG A 60 7.00 -2.71 -7.07
CA ARG A 60 6.21 -3.37 -6.04
C ARG A 60 5.96 -2.44 -4.86
N ILE A 61 4.76 -2.54 -4.29
CA ILE A 61 4.47 -1.93 -2.99
C ILE A 61 4.31 -2.99 -1.91
N ARG A 62 5.11 -2.89 -0.86
CA ARG A 62 5.00 -3.78 0.28
C ARG A 62 4.14 -3.15 1.38
N LEU A 63 3.28 -3.95 2.00
CA LEU A 63 2.43 -3.48 3.07
C LEU A 63 2.48 -4.41 4.27
N ARG A 64 2.80 -3.86 5.44
CA ARG A 64 2.91 -4.63 6.66
C ARG A 64 1.95 -4.14 7.73
N ASN A 65 1.24 -5.06 8.37
CA ASN A 65 0.36 -4.72 9.48
C ASN A 65 1.12 -4.61 10.78
N LEU A 66 1.19 -3.41 11.33
CA LEU A 66 2.04 -3.13 12.48
C LEU A 66 1.28 -3.31 13.79
N SER A 67 -0.02 -3.54 13.68
CA SER A 67 -0.92 -3.47 14.82
C SER A 67 -1.07 -4.83 15.50
N ASP A 68 -1.88 -4.87 16.56
CA ASP A 68 -2.21 -6.14 17.21
C ASP A 68 -3.54 -6.69 16.70
N THR A 69 -4.22 -5.91 15.86
CA THR A 69 -5.48 -6.32 15.28
C THR A 69 -5.44 -6.22 13.76
N PRO A 70 -6.31 -6.99 13.09
CA PRO A 70 -6.44 -6.93 11.65
C PRO A 70 -6.74 -5.50 11.18
N ILE A 71 -6.15 -5.13 10.05
CA ILE A 71 -6.41 -3.81 9.46
C ILE A 71 -7.01 -3.95 8.06
N GLU A 72 -8.08 -3.20 7.81
CA GLU A 72 -8.65 -3.10 6.47
C GLU A 72 -7.98 -1.98 5.68
N PHE A 73 -7.66 -2.25 4.42
CA PHE A 73 -7.06 -1.24 3.55
C PHE A 73 -7.90 -1.03 2.29
N ARG A 74 -8.05 0.22 1.90
CA ARG A 74 -8.73 0.55 0.64
C ARG A 74 -7.72 0.97 -0.43
N ILE A 75 -7.76 0.27 -1.56
CA ILE A 75 -6.75 0.44 -2.60
C ILE A 75 -7.36 1.00 -3.87
N ARG A 76 -6.81 2.11 -4.35
CA ARG A 76 -7.23 2.69 -5.63
C ARG A 76 -6.09 2.69 -6.64
N GLU A 77 -6.36 2.18 -7.83
CA GLU A 77 -5.35 2.07 -8.87
C GLU A 77 -5.74 2.87 -10.11
N GLU A 78 -4.83 3.73 -10.56
CA GLU A 78 -5.10 4.59 -11.71
C GLU A 78 -4.14 4.31 -12.85
N THR A 1 -10.19 3.48 -14.00
CA THR A 1 -9.65 3.35 -12.65
C THR A 1 -10.11 2.06 -11.98
N ARG A 2 -9.39 1.64 -10.95
CA ARG A 2 -9.74 0.44 -10.21
C ARG A 2 -9.75 0.69 -8.71
N GLU A 3 -10.75 0.14 -8.04
CA GLU A 3 -10.86 0.27 -6.59
C GLU A 3 -11.22 -1.05 -5.93
N THR A 4 -10.50 -1.40 -4.88
CA THR A 4 -10.78 -2.63 -4.12
C THR A 4 -10.41 -2.46 -2.65
N LYS A 5 -10.47 -3.56 -1.90
CA LYS A 5 -10.14 -3.55 -0.49
C LYS A 5 -9.62 -4.91 -0.02
N VAL A 6 -8.55 -4.89 0.76
CA VAL A 6 -7.98 -6.12 1.30
C VAL A 6 -7.81 -6.02 2.81
N THR A 7 -7.68 -7.17 3.46
CA THR A 7 -7.40 -7.22 4.89
C THR A 7 -6.08 -7.93 5.17
N VAL A 8 -5.25 -7.33 6.02
CA VAL A 8 -3.97 -7.91 6.38
C VAL A 8 -3.88 -8.16 7.88
N ASN A 9 -3.42 -9.34 8.26
CA ASN A 9 -3.36 -9.73 9.65
C ASN A 9 -2.07 -9.22 10.30
N PRO A 10 -2.08 -9.11 11.63
CA PRO A 10 -0.91 -8.65 12.37
C PRO A 10 0.34 -9.44 11.97
N GLY A 11 1.40 -8.72 11.63
CA GLY A 11 2.65 -9.35 11.26
C GLY A 11 2.66 -9.74 9.79
N GLU A 12 1.47 -9.86 9.21
CA GLU A 12 1.33 -10.32 7.83
C GLU A 12 1.66 -9.22 6.84
N GLU A 13 2.23 -9.60 5.71
CA GLU A 13 2.59 -8.63 4.67
C GLU A 13 1.69 -8.77 3.46
N TYR A 14 1.66 -7.75 2.61
CA TYR A 14 0.87 -7.76 1.40
C TYR A 14 1.50 -6.90 0.31
N GLU A 15 1.34 -7.32 -0.93
CA GLU A 15 1.89 -6.59 -2.06
C GLU A 15 0.79 -5.97 -2.92
N VAL A 16 0.92 -4.68 -3.19
CA VAL A 16 -0.01 -3.99 -4.08
C VAL A 16 0.63 -3.68 -5.43
N LYS A 17 0.01 -4.15 -6.50
CA LYS A 17 0.58 -4.00 -7.84
C LYS A 17 0.28 -2.63 -8.42
N VAL A 18 1.29 -2.02 -9.03
CA VAL A 18 1.09 -0.82 -9.83
C VAL A 18 1.66 -0.97 -11.23
N ASN A 19 0.88 -0.56 -12.23
CA ASN A 19 1.30 -0.68 -13.62
C ASN A 19 2.10 0.54 -14.06
N PRO A 20 3.01 0.33 -15.00
CA PRO A 20 3.80 1.43 -15.56
C PRO A 20 2.91 2.57 -16.04
N GLY A 21 3.26 3.79 -15.65
CA GLY A 21 2.54 4.97 -16.12
C GLY A 21 1.35 5.29 -15.24
N THR A 22 1.06 4.40 -14.30
CA THR A 22 -0.07 4.56 -13.40
C THR A 22 0.39 4.88 -11.99
N ARG A 23 -0.54 5.27 -11.14
CA ARG A 23 -0.26 5.47 -9.71
C ARG A 23 -1.29 4.79 -8.84
N VAL A 24 -0.92 4.51 -7.59
CA VAL A 24 -1.84 3.90 -6.64
C VAL A 24 -1.91 4.71 -5.35
N GLU A 25 -3.01 4.56 -4.63
CA GLU A 25 -3.12 5.08 -3.27
C GLU A 25 -3.81 4.09 -2.35
N ILE A 26 -3.19 3.84 -1.19
CA ILE A 26 -3.72 2.86 -0.24
C ILE A 26 -3.98 3.50 1.11
N GLN A 27 -5.23 3.45 1.55
CA GLN A 27 -5.60 4.01 2.85
C GLN A 27 -5.67 2.93 3.91
N ALA A 28 -4.96 3.15 5.02
CA ALA A 28 -4.87 2.15 6.08
C ALA A 28 -5.80 2.48 7.23
N LYS A 29 -6.65 1.52 7.59
CA LYS A 29 -7.53 1.66 8.74
C LYS A 29 -6.74 1.85 10.03
N GLY A 30 -5.60 1.17 10.12
CA GLY A 30 -4.76 1.23 11.31
C GLY A 30 -3.30 1.48 10.94
N PRO A 31 -2.44 1.44 11.95
CA PRO A 31 -1.01 1.63 11.73
C PRO A 31 -0.45 0.63 10.72
N ALA A 32 0.32 1.12 9.77
CA ALA A 32 0.84 0.28 8.69
C ALA A 32 2.17 0.81 8.18
N GLU A 33 3.00 -0.09 7.64
CA GLU A 33 4.24 0.30 7.00
C GLU A 33 4.18 0.03 5.50
N PHE A 34 4.62 1.01 4.71
CA PHE A 34 4.71 0.85 3.27
C PHE A 34 6.14 1.02 2.77
N GLU A 35 6.53 0.19 1.82
CA GLU A 35 7.85 0.30 1.20
C GLU A 35 7.77 0.08 -0.30
N GLY A 36 8.50 0.90 -1.06
CA GLY A 36 8.65 0.69 -2.49
C GLY A 36 9.41 1.85 -3.14
N GLY A 37 10.22 1.53 -4.13
CA GLY A 37 10.97 2.54 -4.87
C GLY A 37 12.12 3.09 -4.04
N GLY A 38 12.42 2.43 -2.93
CA GLY A 38 13.43 2.89 -2.00
C GLY A 38 12.83 3.77 -0.91
N THR A 39 11.55 4.11 -1.07
CA THR A 39 10.86 4.95 -0.11
C THR A 39 10.19 4.12 0.98
N ARG A 40 10.34 4.56 2.23
CA ARG A 40 9.68 3.91 3.34
C ARG A 40 8.84 4.90 4.14
N THR A 41 7.55 4.59 4.28
CA THR A 41 6.63 5.47 5.01
C THR A 41 5.66 4.66 5.86
N ARG A 42 5.47 5.09 7.10
CA ARG A 42 4.45 4.50 7.97
C ARG A 42 3.25 5.42 8.12
N LEU A 43 2.06 4.83 8.19
CA LEU A 43 0.82 5.60 8.25
C LEU A 43 0.22 5.57 9.64
N ASN A 44 -0.44 6.67 10.02
CA ASN A 44 -1.41 6.64 11.09
C ASN A 44 -2.80 6.27 10.57
N PRO A 45 -3.66 5.81 11.48
CA PRO A 45 -5.04 5.48 11.14
C PRO A 45 -5.69 6.61 10.34
N GLY A 46 -6.23 6.26 9.18
CA GLY A 46 -6.95 7.24 8.36
C GLY A 46 -6.07 7.75 7.23
N GLU A 47 -4.76 7.69 7.42
CA GLU A 47 -3.82 8.20 6.43
C GLU A 47 -3.65 7.22 5.28
N SER A 48 -3.04 7.70 4.19
CA SER A 48 -2.89 6.89 2.99
C SER A 48 -1.47 6.99 2.45
N TYR A 49 -1.04 5.95 1.73
CA TYR A 49 0.25 5.95 1.08
C TYR A 49 0.10 6.01 -0.45
N LYS A 50 0.88 6.88 -1.08
CA LYS A 50 0.83 7.03 -2.53
C LYS A 50 2.10 6.51 -3.19
N PHE A 51 1.96 5.98 -4.39
CA PHE A 51 3.11 5.52 -5.17
C PHE A 51 2.83 5.62 -6.67
N GLU A 52 3.83 6.09 -7.41
CA GLU A 52 3.71 6.21 -8.86
C GLU A 52 4.82 5.45 -9.57
N ASN A 53 4.45 4.65 -10.56
CA ASN A 53 5.40 3.82 -11.28
C ASN A 53 5.94 4.53 -12.51
N LEU A 54 7.14 5.08 -12.40
CA LEU A 54 7.72 5.87 -13.47
C LEU A 54 8.69 5.06 -14.31
N THR A 55 8.59 3.73 -14.19
CA THR A 55 9.49 2.83 -14.90
C THR A 55 8.77 2.12 -16.03
N SER A 56 9.49 1.25 -16.73
CA SER A 56 8.90 0.43 -17.78
C SER A 56 8.53 -0.95 -17.27
N GLN A 57 8.68 -1.16 -15.97
CA GLN A 57 8.45 -2.46 -15.36
C GLN A 57 7.45 -2.37 -14.22
N PRO A 58 6.46 -3.26 -14.24
CA PRO A 58 5.47 -3.33 -13.16
C PRO A 58 6.15 -3.43 -11.80
N LEU A 59 5.65 -2.68 -10.84
CA LEU A 59 6.22 -2.67 -9.49
C LEU A 59 5.18 -3.08 -8.45
N ARG A 60 5.66 -3.41 -7.25
CA ARG A 60 4.78 -3.79 -6.16
C ARG A 60 5.12 -3.01 -4.89
N ILE A 61 4.09 -2.64 -4.14
CA ILE A 61 4.28 -1.92 -2.88
C ILE A 61 4.13 -2.84 -1.69
N ARG A 62 5.13 -2.83 -0.81
CA ARG A 62 5.19 -3.77 0.29
C ARG A 62 4.46 -3.24 1.52
N LEU A 63 3.44 -3.97 1.97
CA LEU A 63 2.67 -3.59 3.15
C LEU A 63 3.06 -4.45 4.35
N ARG A 64 2.95 -3.87 5.54
CA ARG A 64 3.01 -4.63 6.78
C ARG A 64 2.01 -4.11 7.80
N ASN A 65 1.27 -5.01 8.42
CA ASN A 65 0.36 -4.65 9.50
C ASN A 65 1.10 -4.50 10.82
N LEU A 66 1.18 -3.28 11.32
CA LEU A 66 2.02 -2.96 12.47
C LEU A 66 1.27 -3.16 13.78
N SER A 67 -0.04 -3.41 13.68
CA SER A 67 -0.91 -3.39 14.84
C SER A 67 -1.16 -4.79 15.38
N ASP A 68 -1.96 -4.88 16.44
CA ASP A 68 -2.30 -6.17 17.02
C ASP A 68 -3.61 -6.70 16.46
N THR A 69 -4.20 -5.97 15.52
CA THR A 69 -5.46 -6.35 14.92
C THR A 69 -5.40 -6.25 13.40
N PRO A 70 -6.24 -7.04 12.73
CA PRO A 70 -6.36 -6.98 11.28
C PRO A 70 -6.66 -5.55 10.82
N ILE A 71 -6.04 -5.14 9.72
CA ILE A 71 -6.25 -3.81 9.17
C ILE A 71 -6.85 -3.90 7.77
N GLU A 72 -7.90 -3.12 7.53
CA GLU A 72 -8.46 -2.96 6.19
C GLU A 72 -7.68 -1.93 5.38
N PHE A 73 -7.35 -2.29 4.15
CA PHE A 73 -6.63 -1.38 3.27
C PHE A 73 -7.44 -1.08 2.01
N ARG A 74 -7.80 0.19 1.84
CA ARG A 74 -8.57 0.62 0.67
C ARG A 74 -7.66 1.04 -0.47
N ILE A 75 -7.72 0.31 -1.58
CA ILE A 75 -6.74 0.43 -2.65
C ILE A 75 -7.36 1.02 -3.91
N ARG A 76 -6.77 2.09 -4.41
CA ARG A 76 -7.22 2.70 -5.65
C ARG A 76 -6.08 2.82 -6.65
N GLU A 77 -6.33 2.42 -7.90
CA GLU A 77 -5.35 2.56 -8.96
C GLU A 77 -5.83 3.53 -10.03
N GLU A 78 -4.96 4.45 -10.42
CA GLU A 78 -5.29 5.44 -11.45
C GLU A 78 -4.29 5.40 -12.59
N THR A 1 -9.80 3.55 -13.98
CA THR A 1 -9.70 3.55 -12.53
C THR A 1 -10.19 2.24 -11.93
N ARG A 2 -9.42 1.70 -10.99
CA ARG A 2 -9.76 0.43 -10.36
C ARG A 2 -9.63 0.51 -8.84
N GLU A 3 -10.62 -0.04 -8.15
CA GLU A 3 -10.58 -0.09 -6.69
C GLU A 3 -10.78 -1.52 -6.19
N THR A 4 -10.06 -1.88 -5.13
CA THR A 4 -10.24 -3.17 -4.48
C THR A 4 -9.93 -3.08 -2.98
N LYS A 5 -10.00 -4.22 -2.30
CA LYS A 5 -9.78 -4.26 -0.87
C LYS A 5 -8.93 -5.47 -0.47
N VAL A 6 -7.94 -5.24 0.38
CA VAL A 6 -7.06 -6.30 0.85
C VAL A 6 -6.97 -6.31 2.36
N THR A 7 -7.11 -7.50 2.96
CA THR A 7 -6.95 -7.67 4.39
C THR A 7 -5.58 -8.27 4.72
N VAL A 8 -4.84 -7.61 5.61
CA VAL A 8 -3.53 -8.09 6.03
C VAL A 8 -3.51 -8.39 7.52
N ASN A 9 -3.08 -9.59 7.87
CA ASN A 9 -2.99 -10.01 9.26
C ASN A 9 -1.77 -9.41 9.95
N PRO A 10 -1.85 -9.24 11.26
CA PRO A 10 -0.75 -8.69 12.03
C PRO A 10 0.56 -9.41 11.72
N GLY A 11 1.60 -8.63 11.46
CA GLY A 11 2.93 -9.19 11.23
C GLY A 11 3.14 -9.50 9.76
N GLU A 12 2.05 -9.69 9.03
CA GLU A 12 2.11 -10.11 7.64
C GLU A 12 2.16 -8.91 6.70
N GLU A 13 2.47 -9.18 5.43
CA GLU A 13 2.54 -8.12 4.42
C GLU A 13 1.77 -8.51 3.17
N TYR A 14 1.23 -7.52 2.49
CA TYR A 14 0.75 -7.70 1.11
C TYR A 14 1.48 -6.78 0.14
N GLU A 15 1.79 -7.29 -1.04
CA GLU A 15 2.47 -6.51 -2.06
C GLU A 15 1.49 -5.98 -3.10
N VAL A 16 1.40 -4.65 -3.20
CA VAL A 16 0.52 -4.01 -4.16
C VAL A 16 1.24 -3.72 -5.46
N LYS A 17 0.72 -4.27 -6.56
CA LYS A 17 1.32 -4.08 -7.87
C LYS A 17 0.99 -2.71 -8.43
N VAL A 18 2.02 -1.99 -8.86
CA VAL A 18 1.84 -0.69 -9.50
C VAL A 18 2.35 -0.72 -10.94
N ASN A 19 1.45 -0.44 -11.88
CA ASN A 19 1.79 -0.47 -13.29
C ASN A 19 2.52 0.80 -13.71
N PRO A 20 3.58 0.63 -14.50
CA PRO A 20 4.35 1.77 -15.00
C PRO A 20 3.44 2.80 -15.67
N GLY A 21 3.66 4.07 -15.33
CA GLY A 21 2.91 5.15 -15.94
C GLY A 21 1.67 5.50 -15.11
N THR A 22 1.34 4.62 -14.17
CA THR A 22 0.17 4.82 -13.32
C THR A 22 0.58 5.10 -11.87
N ARG A 23 -0.39 5.49 -11.06
CA ARG A 23 -0.17 5.66 -9.63
C ARG A 23 -1.25 4.95 -8.81
N VAL A 24 -0.90 4.55 -7.60
CA VAL A 24 -1.84 3.86 -6.72
C VAL A 24 -1.87 4.50 -5.34
N GLU A 25 -3.08 4.67 -4.80
CA GLU A 25 -3.24 5.14 -3.44
C GLU A 25 -3.81 4.05 -2.55
N ILE A 26 -3.16 3.82 -1.41
CA ILE A 26 -3.61 2.80 -0.46
C ILE A 26 -3.89 3.40 0.90
N GLN A 27 -5.12 3.24 1.37
CA GLN A 27 -5.51 3.73 2.69
C GLN A 27 -5.58 2.58 3.69
N ALA A 28 -4.87 2.74 4.81
CA ALA A 28 -4.74 1.66 5.79
C ALA A 28 -5.93 1.62 6.73
N LYS A 29 -6.44 2.80 7.09
CA LYS A 29 -7.43 2.92 8.14
C LYS A 29 -6.93 2.30 9.44
N GLY A 30 -5.62 2.37 9.65
CA GLY A 30 -5.00 1.80 10.85
C GLY A 30 -3.49 1.82 10.75
N PRO A 31 -2.83 1.41 11.83
CA PRO A 31 -1.37 1.38 11.85
C PRO A 31 -0.81 0.52 10.73
N ALA A 32 0.09 1.10 9.95
CA ALA A 32 0.67 0.41 8.80
C ALA A 32 1.99 1.05 8.38
N GLU A 33 2.86 0.25 7.77
CA GLU A 33 4.09 0.77 7.18
C GLU A 33 4.15 0.46 5.69
N PHE A 34 4.52 1.46 4.90
CA PHE A 34 4.55 1.33 3.45
C PHE A 34 5.97 1.41 2.91
N GLU A 35 6.38 0.38 2.17
CA GLU A 35 7.74 0.32 1.64
C GLU A 35 7.75 -0.28 0.24
N GLY A 36 8.49 0.36 -0.66
CA GLY A 36 8.73 -0.19 -1.99
C GLY A 36 9.04 0.92 -2.99
N GLY A 37 9.73 0.55 -4.07
CA GLY A 37 10.01 1.49 -5.14
C GLY A 37 11.09 2.49 -4.74
N GLY A 38 11.79 2.19 -3.65
CA GLY A 38 12.81 3.09 -3.12
C GLY A 38 12.22 4.06 -2.10
N THR A 39 10.91 3.97 -1.90
CA THR A 39 10.21 4.85 -0.97
C THR A 39 9.78 4.08 0.28
N ARG A 40 9.99 4.68 1.45
CA ARG A 40 9.58 4.09 2.70
C ARG A 40 9.06 5.14 3.68
N THR A 41 7.87 4.92 4.21
CA THR A 41 7.31 5.79 5.23
C THR A 41 6.31 5.04 6.12
N ARG A 42 6.38 5.28 7.42
CA ARG A 42 5.38 4.77 8.34
C ARG A 42 4.25 5.77 8.52
N LEU A 43 3.02 5.28 8.39
CA LEU A 43 1.85 6.15 8.35
C LEU A 43 1.00 5.99 9.61
N ASN A 44 0.27 7.04 9.97
CA ASN A 44 -0.65 6.98 11.10
C ASN A 44 -2.02 6.50 10.67
N PRO A 45 -2.80 5.99 11.63
CA PRO A 45 -4.16 5.53 11.34
C PRO A 45 -4.96 6.60 10.61
N GLY A 46 -5.66 6.18 9.55
CA GLY A 46 -6.49 7.09 8.78
C GLY A 46 -5.79 7.54 7.52
N GLU A 47 -4.46 7.64 7.58
CA GLU A 47 -3.68 8.21 6.50
C GLU A 47 -3.61 7.26 5.31
N SER A 48 -3.42 7.82 4.11
CA SER A 48 -3.24 7.01 2.91
C SER A 48 -1.85 7.20 2.32
N TYR A 49 -1.37 6.18 1.63
CA TYR A 49 -0.05 6.24 0.99
C TYR A 49 -0.18 6.29 -0.52
N LYS A 50 0.53 7.23 -1.14
CA LYS A 50 0.53 7.37 -2.59
C LYS A 50 1.88 7.00 -3.19
N PHE A 51 1.86 6.33 -4.34
CA PHE A 51 3.07 6.03 -5.07
C PHE A 51 2.84 6.05 -6.57
N GLU A 52 3.77 6.65 -7.31
CA GLU A 52 3.71 6.64 -8.77
C GLU A 52 4.93 5.95 -9.37
N ASN A 53 4.69 5.04 -10.29
CA ASN A 53 5.75 4.24 -10.89
C ASN A 53 6.31 4.93 -12.13
N LEU A 54 7.48 5.56 -11.98
CA LEU A 54 8.08 6.33 -13.06
C LEU A 54 9.17 5.53 -13.76
N THR A 55 9.20 4.23 -13.50
CA THR A 55 10.20 3.35 -14.08
C THR A 55 9.63 2.53 -15.23
N SER A 56 10.48 1.76 -15.89
CA SER A 56 10.05 0.93 -17.01
C SER A 56 9.51 -0.41 -16.53
N GLN A 57 9.82 -0.76 -15.29
CA GLN A 57 9.45 -2.06 -14.74
C GLN A 57 8.35 -1.93 -13.69
N PRO A 58 7.51 -2.94 -13.59
CA PRO A 58 6.51 -3.01 -12.54
C PRO A 58 7.14 -2.90 -11.16
N LEU A 59 6.48 -2.19 -10.25
CA LEU A 59 6.95 -2.07 -8.88
C LEU A 59 5.88 -2.52 -7.89
N ARG A 60 6.30 -2.86 -6.68
CA ARG A 60 5.38 -3.37 -5.67
C ARG A 60 5.55 -2.63 -4.35
N ILE A 61 4.43 -2.32 -3.71
CA ILE A 61 4.45 -1.66 -2.40
C ILE A 61 4.01 -2.63 -1.30
N ARG A 62 4.84 -2.76 -0.27
CA ARG A 62 4.55 -3.67 0.84
C ARG A 62 3.59 -3.01 1.83
N LEU A 63 2.54 -3.76 2.21
CA LEU A 63 1.62 -3.29 3.24
C LEU A 63 1.82 -4.06 4.54
N ARG A 64 2.58 -3.46 5.46
CA ARG A 64 2.89 -4.11 6.73
C ARG A 64 1.89 -3.73 7.82
N ASN A 65 1.26 -4.73 8.40
CA ASN A 65 0.28 -4.50 9.45
C ASN A 65 0.95 -4.35 10.82
N LEU A 66 0.91 -3.13 11.36
CA LEU A 66 1.65 -2.82 12.57
C LEU A 66 0.80 -3.05 13.82
N SER A 67 -0.47 -3.38 13.60
CA SER A 67 -1.44 -3.43 14.68
C SER A 67 -1.59 -4.86 15.22
N ASP A 68 -2.45 -5.02 16.21
CA ASP A 68 -2.73 -6.34 16.78
C ASP A 68 -3.92 -6.99 16.11
N THR A 69 -4.51 -6.30 15.15
CA THR A 69 -5.69 -6.79 14.45
C THR A 69 -5.55 -6.66 12.94
N PRO A 70 -6.26 -7.50 12.20
CA PRO A 70 -6.28 -7.41 10.75
C PRO A 70 -6.67 -6.01 10.29
N ILE A 71 -5.94 -5.51 9.29
CA ILE A 71 -6.23 -4.19 8.72
C ILE A 71 -6.73 -4.30 7.29
N GLU A 72 -7.83 -3.61 7.01
CA GLU A 72 -8.40 -3.60 5.67
C GLU A 72 -7.87 -2.43 4.85
N PHE A 73 -7.07 -2.74 3.83
CA PHE A 73 -6.45 -1.71 3.01
C PHE A 73 -7.29 -1.43 1.76
N ARG A 74 -7.62 -0.16 1.56
CA ARG A 74 -8.35 0.25 0.36
C ARG A 74 -7.39 0.72 -0.73
N ILE A 75 -7.41 0.03 -1.86
CA ILE A 75 -6.44 0.27 -2.92
C ILE A 75 -7.12 0.88 -4.15
N ARG A 76 -6.61 2.03 -4.58
CA ARG A 76 -7.18 2.72 -5.73
C ARG A 76 -6.12 2.99 -6.79
N GLU A 77 -6.31 2.42 -7.98
CA GLU A 77 -5.35 2.58 -9.06
C GLU A 77 -5.82 3.62 -10.06
N GLU A 78 -4.95 4.57 -10.38
CA GLU A 78 -5.26 5.62 -11.34
C GLU A 78 -4.26 5.62 -12.49
N THR A 1 -3.24 -0.15 -12.81
CA THR A 1 -2.82 -0.65 -11.51
C THR A 1 -3.87 -1.56 -10.90
N ARG A 2 -3.55 -2.15 -9.75
CA ARG A 2 -4.49 -2.99 -9.02
C ARG A 2 -5.38 -2.16 -8.10
N GLU A 3 -6.68 -2.38 -8.19
CA GLU A 3 -7.63 -1.78 -7.25
C GLU A 3 -8.39 -2.83 -6.48
N THR A 4 -8.47 -2.67 -5.16
CA THR A 4 -9.04 -3.69 -4.29
C THR A 4 -9.09 -3.21 -2.84
N LYS A 5 -9.96 -3.83 -2.06
CA LYS A 5 -9.86 -3.77 -0.60
C LYS A 5 -9.39 -5.10 -0.03
N VAL A 6 -8.40 -5.06 0.85
CA VAL A 6 -7.81 -6.26 1.42
C VAL A 6 -7.68 -6.15 2.94
N THR A 7 -7.55 -7.30 3.60
CA THR A 7 -7.23 -7.33 5.02
C THR A 7 -5.89 -8.02 5.27
N VAL A 8 -5.06 -7.40 6.10
CA VAL A 8 -3.73 -7.93 6.39
C VAL A 8 -3.56 -8.21 7.87
N ASN A 9 -3.03 -9.39 8.18
CA ASN A 9 -2.81 -9.79 9.56
C ASN A 9 -1.48 -9.25 10.09
N PRO A 10 -1.38 -9.14 11.40
CA PRO A 10 -0.16 -8.63 12.05
C PRO A 10 1.06 -9.36 11.52
N GLY A 11 2.08 -8.60 11.13
CA GLY A 11 3.35 -9.16 10.69
C GLY A 11 3.35 -9.41 9.18
N GLU A 12 2.16 -9.59 8.62
CA GLU A 12 2.04 -9.95 7.21
C GLU A 12 2.05 -8.72 6.32
N GLU A 13 2.31 -8.94 5.03
CA GLU A 13 2.29 -7.84 4.06
C GLU A 13 1.46 -8.21 2.83
N TYR A 14 0.79 -7.22 2.26
CA TYR A 14 0.13 -7.38 0.98
C TYR A 14 0.89 -6.65 -0.13
N GLU A 15 0.95 -7.27 -1.30
CA GLU A 15 1.64 -6.67 -2.43
C GLU A 15 0.67 -5.93 -3.33
N VAL A 16 0.94 -4.64 -3.55
CA VAL A 16 0.15 -3.83 -4.47
C VAL A 16 0.92 -3.56 -5.77
N LYS A 17 0.28 -3.85 -6.90
CA LYS A 17 0.94 -3.74 -8.19
C LYS A 17 0.72 -2.37 -8.81
N VAL A 18 1.81 -1.72 -9.19
CA VAL A 18 1.73 -0.46 -9.91
C VAL A 18 2.53 -0.50 -11.21
N ASN A 19 1.94 0.03 -12.27
CA ASN A 19 2.54 -0.03 -13.60
C ASN A 19 3.39 1.21 -13.86
N PRO A 20 4.37 1.07 -14.75
CA PRO A 20 5.24 2.19 -15.11
C PRO A 20 4.42 3.40 -15.53
N GLY A 21 4.77 4.56 -14.97
CA GLY A 21 4.16 5.82 -15.38
C GLY A 21 2.87 6.09 -14.62
N THR A 22 2.39 5.07 -13.90
CA THR A 22 1.12 5.17 -13.20
C THR A 22 1.33 5.41 -11.71
N ARG A 23 0.25 5.74 -11.00
CA ARG A 23 0.31 5.91 -9.56
C ARG A 23 -0.75 5.06 -8.88
N VAL A 24 -0.48 4.70 -7.62
CA VAL A 24 -1.46 3.98 -6.80
C VAL A 24 -1.49 4.53 -5.38
N GLU A 25 -2.70 4.69 -4.85
CA GLU A 25 -2.86 5.16 -3.47
C GLU A 25 -3.42 4.06 -2.58
N ILE A 26 -2.86 3.94 -1.38
CA ILE A 26 -3.39 3.04 -0.37
C ILE A 26 -3.76 3.78 0.90
N GLN A 27 -4.99 3.56 1.38
CA GLN A 27 -5.42 4.12 2.66
C GLN A 27 -5.44 3.05 3.74
N ALA A 28 -4.93 3.41 4.92
CA ALA A 28 -4.85 2.47 6.02
C ALA A 28 -6.00 2.69 7.01
N LYS A 29 -6.58 1.59 7.49
CA LYS A 29 -7.55 1.65 8.57
C LYS A 29 -6.91 1.28 9.90
N GLY A 30 -5.58 1.28 9.94
CA GLY A 30 -4.84 0.98 11.16
C GLY A 30 -3.35 1.26 10.99
N PRO A 31 -2.60 1.10 12.07
CA PRO A 31 -1.16 1.29 12.03
C PRO A 31 -0.51 0.45 10.94
N ALA A 32 0.22 1.09 10.04
CA ALA A 32 0.71 0.43 8.84
C ALA A 32 2.03 1.04 8.38
N GLU A 33 2.81 0.26 7.63
CA GLU A 33 3.97 0.79 6.92
C GLU A 33 3.98 0.34 5.46
N PHE A 34 4.14 1.29 4.56
CA PHE A 34 4.17 0.99 3.13
C PHE A 34 5.58 1.11 2.57
N GLU A 35 6.01 0.06 1.88
CA GLU A 35 7.36 0.01 1.33
C GLU A 35 7.35 -0.30 -0.16
N GLY A 36 8.07 0.51 -0.93
CA GLY A 36 8.10 0.34 -2.38
C GLY A 36 8.49 1.65 -3.07
N GLY A 37 8.85 1.55 -4.34
CA GLY A 37 9.19 2.73 -5.14
C GLY A 37 10.55 3.27 -4.77
N GLY A 38 11.29 2.51 -3.97
CA GLY A 38 12.60 2.93 -3.49
C GLY A 38 12.49 3.74 -2.21
N THR A 39 11.27 3.85 -1.68
CA THR A 39 11.02 4.60 -0.47
C THR A 39 10.07 3.85 0.46
N ARG A 40 9.61 4.52 1.51
CA ARG A 40 8.68 3.93 2.46
C ARG A 40 8.04 4.99 3.35
N THR A 41 6.84 4.69 3.84
CA THR A 41 6.13 5.60 4.72
C THR A 41 5.41 4.84 5.83
N ARG A 42 5.48 5.37 7.05
CA ARG A 42 4.66 4.88 8.14
C ARG A 42 3.37 5.71 8.26
N LEU A 43 2.25 5.02 8.43
CA LEU A 43 0.94 5.66 8.38
C LEU A 43 0.19 5.49 9.69
N ASN A 44 -0.57 6.51 10.08
CA ASN A 44 -1.56 6.38 11.13
C ASN A 44 -2.93 5.99 10.56
N PRO A 45 -3.80 5.49 11.43
CA PRO A 45 -5.16 5.14 11.03
C PRO A 45 -5.83 6.30 10.33
N GLY A 46 -6.43 6.03 9.17
CA GLY A 46 -7.19 7.04 8.44
C GLY A 46 -6.33 7.66 7.34
N GLU A 47 -5.01 7.64 7.55
CA GLU A 47 -4.09 8.29 6.62
C GLU A 47 -3.86 7.44 5.37
N SER A 48 -3.36 8.07 4.32
CA SER A 48 -3.06 7.36 3.08
C SER A 48 -1.74 7.81 2.49
N TYR A 49 -1.18 7.00 1.61
CA TYR A 49 0.04 7.35 0.89
C TYR A 49 0.11 6.66 -0.47
N LYS A 50 0.67 7.36 -1.45
CA LYS A 50 0.64 6.89 -2.83
C LYS A 50 2.05 6.75 -3.40
N PHE A 51 2.22 5.85 -4.35
CA PHE A 51 3.52 5.63 -4.98
C PHE A 51 3.45 5.85 -6.48
N GLU A 52 4.55 6.35 -7.05
CA GLU A 52 4.69 6.45 -8.50
C GLU A 52 5.78 5.54 -9.02
N ASN A 53 5.47 4.80 -10.08
CA ASN A 53 6.43 3.88 -10.67
C ASN A 53 7.33 4.60 -11.67
N LEU A 54 8.56 4.89 -11.25
CA LEU A 54 9.47 5.69 -12.06
C LEU A 54 10.43 4.81 -12.86
N THR A 55 10.12 3.52 -12.91
CA THR A 55 10.97 2.56 -13.62
C THR A 55 10.30 2.06 -14.89
N SER A 56 10.99 1.18 -15.61
CA SER A 56 10.44 0.58 -16.82
C SER A 56 9.64 -0.67 -16.51
N GLN A 57 9.69 -1.10 -15.26
CA GLN A 57 9.09 -2.37 -14.86
C GLN A 57 8.03 -2.17 -13.78
N PRO A 58 7.02 -3.03 -13.79
CA PRO A 58 6.01 -3.05 -12.72
C PRO A 58 6.68 -3.21 -11.36
N LEU A 59 6.15 -2.48 -10.37
CA LEU A 59 6.66 -2.57 -9.01
C LEU A 59 5.61 -3.09 -8.05
N ARG A 60 6.04 -3.58 -6.90
CA ARG A 60 5.13 -4.05 -5.86
C ARG A 60 5.33 -3.29 -4.56
N ILE A 61 4.23 -2.79 -3.99
CA ILE A 61 4.28 -2.09 -2.71
C ILE A 61 3.76 -2.97 -1.59
N ARG A 62 4.57 -3.13 -0.54
CA ARG A 62 4.20 -3.94 0.60
C ARG A 62 3.35 -3.16 1.60
N LEU A 63 2.22 -3.74 2.00
CA LEU A 63 1.37 -3.15 3.03
C LEU A 63 1.52 -3.89 4.35
N ARG A 64 2.34 -3.33 5.23
CA ARG A 64 2.72 -4.03 6.47
C ARG A 64 1.79 -3.65 7.61
N ASN A 65 1.25 -4.66 8.28
CA ASN A 65 0.41 -4.44 9.46
C ASN A 65 1.26 -4.34 10.72
N LEU A 66 1.30 -3.15 11.30
CA LEU A 66 2.17 -2.88 12.44
C LEU A 66 1.49 -3.21 13.76
N SER A 67 0.18 -3.45 13.70
CA SER A 67 -0.63 -3.53 14.91
C SER A 67 -0.73 -4.97 15.40
N ASP A 68 -1.46 -5.17 16.49
CA ASP A 68 -1.65 -6.50 17.06
C ASP A 68 -2.91 -7.15 16.52
N THR A 69 -3.62 -6.44 15.65
CA THR A 69 -4.86 -6.93 15.08
C THR A 69 -4.89 -6.72 13.57
N PRO A 70 -5.68 -7.54 12.87
CA PRO A 70 -5.88 -7.38 11.44
C PRO A 70 -6.41 -5.98 11.11
N ILE A 71 -5.89 -5.40 10.03
CA ILE A 71 -6.35 -4.09 9.58
C ILE A 71 -6.71 -4.12 8.10
N GLU A 72 -7.55 -3.18 7.68
CA GLU A 72 -8.01 -3.12 6.29
C GLU A 72 -7.22 -2.10 5.49
N PHE A 73 -7.03 -2.37 4.21
CA PHE A 73 -6.47 -1.40 3.29
C PHE A 73 -7.40 -1.16 2.11
N ARG A 74 -7.43 0.09 1.63
CA ARG A 74 -8.15 0.40 0.40
C ARG A 74 -7.21 0.94 -0.67
N ILE A 75 -7.15 0.25 -1.80
CA ILE A 75 -6.20 0.58 -2.85
C ILE A 75 -6.92 1.17 -4.07
N ARG A 76 -6.49 2.35 -4.49
CA ARG A 76 -7.10 3.02 -5.62
C ARG A 76 -6.05 3.46 -6.64
N GLU A 77 -6.45 3.52 -7.90
CA GLU A 77 -5.58 4.02 -8.96
C GLU A 77 -5.65 5.54 -9.05
N GLU A 78 -4.51 6.16 -9.33
CA GLU A 78 -4.47 7.60 -9.62
C GLU A 78 -3.87 7.87 -10.99
N THR A 1 -7.59 3.39 -13.97
CA THR A 1 -8.61 3.56 -12.94
C THR A 1 -9.05 2.21 -12.37
N ARG A 2 -8.52 1.86 -11.20
CA ARG A 2 -8.83 0.60 -10.56
C ARG A 2 -8.87 0.74 -9.04
N GLU A 3 -9.86 0.11 -8.42
CA GLU A 3 -9.96 0.07 -6.96
C GLU A 3 -10.09 -1.36 -6.46
N THR A 4 -9.47 -1.64 -5.33
CA THR A 4 -9.60 -2.95 -4.69
C THR A 4 -9.48 -2.84 -3.17
N LYS A 5 -9.49 -3.98 -2.50
CA LYS A 5 -9.45 -4.00 -1.04
C LYS A 5 -8.55 -5.12 -0.52
N VAL A 6 -7.73 -4.81 0.47
CA VAL A 6 -6.78 -5.78 1.01
C VAL A 6 -6.87 -5.85 2.53
N THR A 7 -6.78 -7.07 3.06
CA THR A 7 -6.65 -7.27 4.49
C THR A 7 -5.32 -7.92 4.83
N VAL A 8 -4.63 -7.36 5.82
CA VAL A 8 -3.33 -7.88 6.23
C VAL A 8 -3.34 -8.29 7.70
N ASN A 9 -2.79 -9.47 7.99
CA ASN A 9 -2.70 -9.95 9.36
C ASN A 9 -1.49 -9.36 10.07
N PRO A 10 -1.57 -9.28 11.39
CA PRO A 10 -0.46 -8.76 12.20
C PRO A 10 0.85 -9.47 11.86
N GLY A 11 1.89 -8.69 11.62
CA GLY A 11 3.21 -9.25 11.38
C GLY A 11 3.43 -9.54 9.89
N GLU A 12 2.32 -9.66 9.16
CA GLU A 12 2.38 -10.01 7.74
C GLU A 12 2.29 -8.76 6.87
N GLU A 13 2.45 -8.96 5.57
CA GLU A 13 2.33 -7.86 4.61
C GLU A 13 1.76 -8.35 3.28
N TYR A 14 1.07 -7.47 2.57
CA TYR A 14 0.55 -7.77 1.25
C TYR A 14 1.24 -6.93 0.17
N GLU A 15 1.53 -7.54 -0.96
CA GLU A 15 2.19 -6.86 -2.06
C GLU A 15 1.18 -6.38 -3.09
N VAL A 16 1.17 -5.07 -3.35
CA VAL A 16 0.31 -4.49 -4.37
C VAL A 16 1.05 -4.38 -5.70
N LYS A 17 0.39 -4.82 -6.76
CA LYS A 17 0.96 -4.72 -8.11
C LYS A 17 0.44 -3.47 -8.83
N VAL A 18 1.37 -2.66 -9.32
CA VAL A 18 1.01 -1.43 -10.02
C VAL A 18 1.64 -1.39 -11.41
N ASN A 19 0.83 -1.01 -12.40
CA ASN A 19 1.28 -1.00 -13.79
C ASN A 19 2.17 0.20 -14.06
N PRO A 20 3.13 0.02 -14.97
CA PRO A 20 4.03 1.10 -15.36
C PRO A 20 3.25 2.34 -15.78
N GLY A 21 3.69 3.50 -15.33
CA GLY A 21 3.14 4.77 -15.77
C GLY A 21 2.04 5.25 -14.84
N THR A 22 1.46 4.32 -14.08
CA THR A 22 0.34 4.64 -13.20
C THR A 22 0.82 4.99 -11.80
N ARG A 23 -0.08 5.53 -10.98
CA ARG A 23 0.20 5.75 -9.57
C ARG A 23 -0.77 4.95 -8.70
N VAL A 24 -0.38 4.71 -7.46
CA VAL A 24 -1.23 4.00 -6.50
C VAL A 24 -1.30 4.73 -5.18
N GLU A 25 -2.49 4.78 -4.59
CA GLU A 25 -2.67 5.30 -3.25
C GLU A 25 -3.35 4.28 -2.34
N ILE A 26 -2.79 4.08 -1.15
CA ILE A 26 -3.34 3.15 -0.18
C ILE A 26 -3.73 3.86 1.10
N GLN A 27 -4.96 3.64 1.56
CA GLN A 27 -5.42 4.18 2.83
C GLN A 27 -5.57 3.08 3.87
N ALA A 28 -4.98 3.30 5.04
CA ALA A 28 -4.96 2.29 6.09
C ALA A 28 -6.10 2.52 7.08
N LYS A 29 -6.70 1.43 7.55
CA LYS A 29 -7.68 1.50 8.64
C LYS A 29 -7.02 1.20 9.99
N GLY A 30 -5.69 1.25 10.01
CA GLY A 30 -4.95 1.02 11.25
C GLY A 30 -3.46 1.32 11.05
N PRO A 31 -2.69 1.17 12.12
CA PRO A 31 -1.25 1.39 12.07
C PRO A 31 -0.61 0.51 11.01
N ALA A 32 0.13 1.12 10.09
CA ALA A 32 0.62 0.42 8.91
C ALA A 32 1.94 1.03 8.43
N GLU A 33 2.70 0.25 7.67
CA GLU A 33 3.89 0.76 7.02
C GLU A 33 3.96 0.32 5.56
N PHE A 34 4.12 1.28 4.65
CA PHE A 34 4.10 1.00 3.23
C PHE A 34 5.49 1.15 2.62
N GLU A 35 5.97 0.08 1.99
CA GLU A 35 7.31 0.09 1.41
C GLU A 35 7.26 -0.17 -0.09
N GLY A 36 7.92 0.70 -0.85
CA GLY A 36 7.93 0.59 -2.31
C GLY A 36 8.34 1.91 -2.95
N GLY A 37 8.74 1.84 -4.21
CA GLY A 37 9.10 3.04 -4.97
C GLY A 37 10.46 3.57 -4.55
N GLY A 38 11.17 2.79 -3.74
CA GLY A 38 12.47 3.21 -3.22
C GLY A 38 12.31 3.95 -1.90
N THR A 39 11.08 4.04 -1.42
CA THR A 39 10.79 4.75 -0.16
C THR A 39 10.01 3.86 0.79
N ARG A 40 9.87 4.31 2.03
CA ARG A 40 9.01 3.65 3.00
C ARG A 40 8.38 4.66 3.95
N THR A 41 7.06 4.54 4.15
CA THR A 41 6.33 5.46 5.00
C THR A 41 5.50 4.71 6.05
N ARG A 42 5.56 5.20 7.29
CA ARG A 42 4.67 4.71 8.33
C ARG A 42 3.45 5.60 8.48
N LEU A 43 2.29 4.97 8.65
CA LEU A 43 1.01 5.67 8.57
C LEU A 43 0.22 5.50 9.86
N ASN A 44 -0.52 6.54 10.24
CA ASN A 44 -1.55 6.42 11.26
C ASN A 44 -2.89 6.02 10.65
N PRO A 45 -3.79 5.53 11.49
CA PRO A 45 -5.13 5.17 11.04
C PRO A 45 -5.79 6.32 10.29
N GLY A 46 -6.34 6.03 9.12
CA GLY A 46 -7.08 7.02 8.35
C GLY A 46 -6.18 7.66 7.30
N GLU A 47 -4.88 7.59 7.52
CA GLU A 47 -3.91 8.25 6.64
C GLU A 47 -3.65 7.41 5.39
N SER A 48 -3.11 8.06 4.36
CA SER A 48 -2.80 7.37 3.12
C SER A 48 -1.47 7.85 2.54
N TYR A 49 -0.95 7.12 1.56
CA TYR A 49 0.26 7.52 0.86
C TYR A 49 0.26 7.03 -0.59
N LYS A 50 0.80 7.84 -1.48
CA LYS A 50 0.78 7.55 -2.90
C LYS A 50 2.17 7.19 -3.41
N PHE A 51 2.25 6.13 -4.20
CA PHE A 51 3.50 5.75 -4.85
C PHE A 51 3.42 5.94 -6.36
N GLU A 52 4.55 6.24 -6.98
CA GLU A 52 4.63 6.36 -8.43
C GLU A 52 5.44 5.22 -9.03
N ASN A 53 4.96 4.68 -10.15
CA ASN A 53 5.75 3.75 -10.94
C ASN A 53 6.40 4.44 -12.13
N LEU A 54 7.64 4.89 -11.95
CA LEU A 54 8.32 5.69 -12.96
C LEU A 54 9.26 4.83 -13.79
N THR A 55 8.98 3.53 -13.86
CA THR A 55 9.82 2.60 -14.60
C THR A 55 9.04 1.90 -15.69
N SER A 56 9.70 1.00 -16.40
CA SER A 56 9.05 0.19 -17.43
C SER A 56 8.46 -1.08 -16.83
N GLN A 57 8.75 -1.32 -15.55
CA GLN A 57 8.39 -2.57 -14.91
C GLN A 57 7.32 -2.37 -13.86
N PRO A 58 6.57 -3.43 -13.57
CA PRO A 58 5.58 -3.40 -12.50
C PRO A 58 6.21 -2.96 -11.18
N LEU A 59 5.47 -2.18 -10.41
CA LEU A 59 5.94 -1.71 -9.11
C LEU A 59 5.30 -2.49 -7.97
N ARG A 60 6.10 -2.84 -6.98
CA ARG A 60 5.63 -3.65 -5.85
C ARG A 60 5.61 -2.83 -4.57
N ILE A 61 4.43 -2.77 -3.93
CA ILE A 61 4.29 -2.05 -2.67
C ILE A 61 3.81 -2.99 -1.57
N ARG A 62 4.60 -3.08 -0.50
CA ARG A 62 4.27 -3.95 0.62
C ARG A 62 3.45 -3.21 1.66
N LEU A 63 2.35 -3.82 2.08
CA LEU A 63 1.48 -3.22 3.09
C LEU A 63 1.62 -3.94 4.43
N ARG A 64 2.42 -3.38 5.33
CA ARG A 64 2.78 -4.05 6.57
C ARG A 64 1.81 -3.69 7.69
N ASN A 65 1.31 -4.71 8.38
CA ASN A 65 0.41 -4.50 9.50
C ASN A 65 1.18 -4.38 10.81
N LEU A 66 1.19 -3.17 11.38
CA LEU A 66 2.03 -2.87 12.53
C LEU A 66 1.30 -3.20 13.83
N SER A 67 0.01 -3.51 13.72
CA SER A 67 -0.86 -3.59 14.89
C SER A 67 -1.02 -5.04 15.35
N ASP A 68 -1.82 -5.24 16.40
CA ASP A 68 -2.07 -6.58 16.91
C ASP A 68 -3.34 -7.17 16.31
N THR A 69 -3.98 -6.42 15.42
CA THR A 69 -5.22 -6.86 14.79
C THR A 69 -5.15 -6.68 13.27
N PRO A 70 -5.93 -7.49 12.56
CA PRO A 70 -6.04 -7.36 11.11
C PRO A 70 -6.43 -5.95 10.71
N ILE A 71 -5.83 -5.46 9.63
CA ILE A 71 -6.15 -4.13 9.11
C ILE A 71 -6.67 -4.20 7.68
N GLU A 72 -7.76 -3.49 7.42
CA GLU A 72 -8.25 -3.32 6.06
C GLU A 72 -7.55 -2.17 5.36
N PHE A 73 -7.35 -2.31 4.05
CA PHE A 73 -6.77 -1.26 3.24
C PHE A 73 -7.60 -0.98 2.00
N ARG A 74 -7.68 0.28 1.61
CA ARG A 74 -8.29 0.66 0.34
C ARG A 74 -7.24 1.13 -0.66
N ILE A 75 -7.20 0.48 -1.81
CA ILE A 75 -6.17 0.77 -2.81
C ILE A 75 -6.77 1.30 -4.10
N ARG A 76 -6.28 2.45 -4.54
CA ARG A 76 -6.72 3.03 -5.81
C ARG A 76 -5.54 3.21 -6.76
N GLU A 77 -5.70 2.75 -8.00
CA GLU A 77 -4.69 2.95 -9.03
C GLU A 77 -5.19 3.90 -10.11
N GLU A 78 -4.32 4.81 -10.54
CA GLU A 78 -4.69 5.79 -11.55
C GLU A 78 -4.63 5.20 -12.95
N THR A 1 -9.36 3.95 -14.27
CA THR A 1 -9.11 3.83 -12.83
C THR A 1 -9.68 2.53 -12.28
N ARG A 2 -9.10 2.05 -11.19
CA ARG A 2 -9.55 0.82 -10.56
C ARG A 2 -9.67 0.99 -9.05
N GLU A 3 -10.50 0.15 -8.44
CA GLU A 3 -10.57 0.06 -6.99
C GLU A 3 -10.61 -1.39 -6.51
N THR A 4 -9.98 -1.65 -5.38
CA THR A 4 -10.08 -2.95 -4.73
C THR A 4 -9.92 -2.83 -3.22
N LYS A 5 -9.84 -3.98 -2.55
CA LYS A 5 -9.73 -4.00 -1.08
C LYS A 5 -8.93 -5.21 -0.62
N VAL A 6 -8.10 -5.00 0.40
CA VAL A 6 -7.31 -6.08 0.97
C VAL A 6 -7.29 -6.00 2.49
N THR A 7 -7.30 -7.16 3.14
CA THR A 7 -7.07 -7.24 4.58
C THR A 7 -5.73 -7.89 4.89
N VAL A 8 -4.97 -7.25 5.77
CA VAL A 8 -3.64 -7.73 6.14
C VAL A 8 -3.55 -8.04 7.63
N ASN A 9 -3.02 -9.22 7.95
CA ASN A 9 -2.93 -9.67 9.34
C ASN A 9 -1.66 -9.15 9.99
N PRO A 10 -1.68 -9.08 11.32
CA PRO A 10 -0.52 -8.63 12.07
C PRO A 10 0.74 -9.38 11.66
N GLY A 11 1.79 -8.64 11.34
CA GLY A 11 3.07 -9.23 10.95
C GLY A 11 3.09 -9.58 9.47
N GLU A 12 1.90 -9.71 8.88
CA GLU A 12 1.78 -10.11 7.48
C GLU A 12 2.10 -8.94 6.55
N GLU A 13 2.72 -9.25 5.41
CA GLU A 13 3.01 -8.25 4.40
C GLU A 13 2.25 -8.53 3.11
N TYR A 14 1.73 -7.47 2.49
CA TYR A 14 1.00 -7.59 1.24
C TYR A 14 1.65 -6.76 0.13
N GLU A 15 1.85 -7.38 -1.02
CA GLU A 15 2.50 -6.72 -2.15
C GLU A 15 1.48 -5.97 -3.00
N VAL A 16 1.66 -4.67 -3.13
CA VAL A 16 0.79 -3.85 -3.97
C VAL A 16 1.44 -3.55 -5.31
N LYS A 17 0.79 -4.01 -6.39
CA LYS A 17 1.36 -3.87 -7.73
C LYS A 17 1.01 -2.51 -8.34
N VAL A 18 2.03 -1.82 -8.85
CA VAL A 18 1.83 -0.54 -9.49
C VAL A 18 2.35 -0.56 -10.93
N ASN A 19 1.49 -0.18 -11.87
CA ASN A 19 1.85 -0.18 -13.28
C ASN A 19 2.68 1.06 -13.64
N PRO A 20 3.63 0.88 -14.55
CA PRO A 20 4.46 1.98 -15.02
C PRO A 20 3.60 3.16 -15.47
N GLY A 21 3.94 4.36 -15.02
CA GLY A 21 3.30 5.58 -15.47
C GLY A 21 2.04 5.88 -14.66
N THR A 22 1.62 4.90 -13.86
CA THR A 22 0.39 5.03 -13.08
C THR A 22 0.71 5.24 -11.60
N ARG A 23 -0.31 5.56 -10.83
CA ARG A 23 -0.16 5.74 -9.38
C ARG A 23 -1.24 4.97 -8.62
N VAL A 24 -0.86 4.42 -7.48
CA VAL A 24 -1.80 3.69 -6.62
C VAL A 24 -1.81 4.26 -5.21
N GLU A 25 -3.01 4.53 -4.70
CA GLU A 25 -3.16 5.07 -3.36
C GLU A 25 -3.84 4.08 -2.43
N ILE A 26 -3.30 3.92 -1.23
CA ILE A 26 -3.84 3.00 -0.24
C ILE A 26 -4.18 3.71 1.06
N GLN A 27 -5.41 3.54 1.52
CA GLN A 27 -5.84 4.12 2.79
C GLN A 27 -5.89 3.07 3.89
N ALA A 28 -5.28 3.39 5.03
CA ALA A 28 -5.17 2.44 6.13
C ALA A 28 -6.25 2.67 7.17
N LYS A 29 -6.75 1.59 7.76
CA LYS A 29 -7.67 1.68 8.87
C LYS A 29 -6.97 1.39 10.19
N GLY A 30 -5.64 1.39 10.16
CA GLY A 30 -4.84 1.13 11.35
C GLY A 30 -3.36 1.35 11.09
N PRO A 31 -2.54 1.18 12.12
CA PRO A 31 -1.10 1.36 12.00
C PRO A 31 -0.53 0.50 10.88
N ALA A 32 0.26 1.12 10.01
CA ALA A 32 0.83 0.43 8.85
C ALA A 32 2.03 1.17 8.30
N GLU A 33 2.80 0.49 7.45
CA GLU A 33 3.85 1.14 6.68
C GLU A 33 4.00 0.50 5.31
N PHE A 34 4.54 1.26 4.37
CA PHE A 34 4.90 0.73 3.05
C PHE A 34 6.41 0.77 2.84
N GLU A 35 6.93 -0.23 2.13
CA GLU A 35 8.33 -0.22 1.71
C GLU A 35 8.48 -0.76 0.29
N GLY A 36 9.17 0.01 -0.55
CA GLY A 36 9.48 -0.45 -1.91
C GLY A 36 9.77 0.74 -2.82
N GLY A 37 10.54 0.50 -3.88
CA GLY A 37 10.85 1.53 -4.86
C GLY A 37 11.84 2.54 -4.28
N GLY A 38 12.46 2.20 -3.16
CA GLY A 38 13.39 3.10 -2.49
C GLY A 38 12.64 4.04 -1.54
N THR A 39 11.34 3.85 -1.43
CA THR A 39 10.51 4.70 -0.58
C THR A 39 9.95 3.92 0.61
N ARG A 40 9.97 4.54 1.78
CA ARG A 40 9.34 3.98 2.96
C ARG A 40 8.51 5.02 3.70
N THR A 41 7.26 4.68 4.01
CA THR A 41 6.35 5.61 4.66
C THR A 41 5.52 4.91 5.73
N ARG A 42 5.44 5.51 6.91
CA ARG A 42 4.58 4.99 7.98
C ARG A 42 3.28 5.77 8.06
N LEU A 43 2.18 5.05 8.27
CA LEU A 43 0.85 5.66 8.25
C LEU A 43 0.20 5.59 9.62
N ASN A 44 -0.56 6.64 9.96
CA ASN A 44 -1.53 6.57 11.04
C ASN A 44 -2.90 6.17 10.53
N PRO A 45 -3.75 5.69 11.43
CA PRO A 45 -5.12 5.33 11.08
C PRO A 45 -5.82 6.47 10.37
N GLY A 46 -6.45 6.17 9.24
CA GLY A 46 -7.21 7.16 8.49
C GLY A 46 -6.38 7.75 7.35
N GLU A 47 -5.06 7.70 7.50
CA GLU A 47 -4.16 8.29 6.51
C GLU A 47 -3.99 7.38 5.31
N SER A 48 -3.43 7.92 4.23
CA SER A 48 -3.24 7.17 3.00
C SER A 48 -1.85 7.39 2.43
N TYR A 49 -1.45 6.52 1.50
CA TYR A 49 -0.13 6.63 0.88
C TYR A 49 -0.21 6.33 -0.61
N LYS A 50 0.51 7.11 -1.41
CA LYS A 50 0.45 6.99 -2.86
C LYS A 50 1.85 6.78 -3.45
N PHE A 51 2.00 5.75 -4.27
CA PHE A 51 3.27 5.48 -4.93
C PHE A 51 3.16 5.69 -6.44
N GLU A 52 4.18 6.29 -7.02
CA GLU A 52 4.26 6.47 -8.46
C GLU A 52 5.39 5.64 -9.07
N ASN A 53 5.06 4.85 -10.08
CA ASN A 53 6.04 3.99 -10.74
C ASN A 53 6.74 4.73 -11.87
N LEU A 54 7.99 5.14 -11.63
CA LEU A 54 8.71 5.97 -12.58
C LEU A 54 9.67 5.14 -13.42
N THR A 55 9.45 3.82 -13.44
CA THR A 55 10.32 2.91 -14.17
C THR A 55 9.61 2.35 -15.39
N SER A 56 10.29 1.44 -16.10
CA SER A 56 9.73 0.81 -17.29
C SER A 56 9.16 -0.57 -16.96
N GLN A 57 9.14 -0.91 -15.68
CA GLN A 57 8.66 -2.22 -15.23
C GLN A 57 7.75 -2.09 -14.02
N PRO A 58 6.76 -2.97 -13.95
CA PRO A 58 5.86 -3.02 -12.80
C PRO A 58 6.64 -3.16 -11.49
N LEU A 59 6.20 -2.45 -10.46
CA LEU A 59 6.83 -2.52 -9.16
C LEU A 59 5.85 -3.03 -8.10
N ARG A 60 6.40 -3.61 -7.04
CA ARG A 60 5.58 -4.12 -5.94
C ARG A 60 5.97 -3.46 -4.61
N ILE A 61 5.00 -2.83 -3.96
CA ILE A 61 5.25 -2.15 -2.70
C ILE A 61 4.72 -2.95 -1.53
N ARG A 62 5.58 -3.17 -0.53
CA ARG A 62 5.26 -4.08 0.57
C ARG A 62 4.50 -3.38 1.68
N LEU A 63 3.29 -3.84 1.94
CA LEU A 63 2.46 -3.25 3.00
C LEU A 63 2.47 -4.12 4.24
N ARG A 64 2.94 -3.55 5.35
CA ARG A 64 3.09 -4.28 6.59
C ARG A 64 2.09 -3.84 7.64
N ASN A 65 1.43 -4.80 8.27
CA ASN A 65 0.52 -4.49 9.38
C ASN A 65 1.27 -4.37 10.69
N LEU A 66 1.31 -3.16 11.24
CA LEU A 66 2.16 -2.87 12.39
C LEU A 66 1.39 -3.04 13.70
N SER A 67 0.12 -3.42 13.59
CA SER A 67 -0.77 -3.47 14.74
C SER A 67 -0.92 -4.88 15.26
N ASP A 68 -1.73 -5.05 16.30
CA ASP A 68 -2.03 -6.37 16.85
C ASP A 68 -3.37 -6.86 16.36
N THR A 69 -3.92 -6.21 15.33
CA THR A 69 -5.20 -6.59 14.77
C THR A 69 -5.20 -6.45 13.24
N PRO A 70 -5.93 -7.34 12.58
CA PRO A 70 -6.10 -7.25 11.13
C PRO A 70 -6.59 -5.87 10.72
N ILE A 71 -6.03 -5.35 9.63
CA ILE A 71 -6.42 -4.04 9.13
C ILE A 71 -6.98 -4.14 7.72
N GLU A 72 -8.11 -3.49 7.49
CA GLU A 72 -8.66 -3.34 6.14
C GLU A 72 -8.06 -2.14 5.42
N PHE A 73 -7.64 -2.35 4.17
CA PHE A 73 -7.08 -1.28 3.37
C PHE A 73 -7.89 -1.05 2.11
N ARG A 74 -8.09 0.22 1.74
CA ARG A 74 -8.74 0.57 0.49
C ARG A 74 -7.73 1.01 -0.56
N ILE A 75 -7.75 0.37 -1.71
CA ILE A 75 -6.77 0.63 -2.76
C ILE A 75 -7.45 1.13 -4.03
N ARG A 76 -6.94 2.23 -4.57
CA ARG A 76 -7.44 2.76 -5.83
C ARG A 76 -6.30 3.16 -6.76
N GLU A 77 -6.50 2.98 -8.05
CA GLU A 77 -5.45 3.23 -9.04
C GLU A 77 -5.85 4.32 -10.01
N GLU A 78 -4.94 5.24 -10.27
CA GLU A 78 -5.20 6.35 -11.19
C GLU A 78 -4.91 5.94 -12.63
N THR A 1 -6.88 1.70 -14.81
CA THR A 1 -7.55 2.25 -13.64
C THR A 1 -8.42 1.19 -12.97
N ARG A 2 -8.30 1.08 -11.65
CA ARG A 2 -9.00 0.05 -10.90
C ARG A 2 -9.08 0.40 -9.42
N GLU A 3 -9.92 -0.34 -8.69
CA GLU A 3 -10.01 -0.17 -7.25
C GLU A 3 -10.39 -1.48 -6.56
N THR A 4 -9.69 -1.80 -5.48
CA THR A 4 -9.93 -3.04 -4.75
C THR A 4 -9.72 -2.85 -3.25
N LYS A 5 -9.77 -3.95 -2.50
CA LYS A 5 -9.63 -3.89 -1.06
C LYS A 5 -9.07 -5.19 -0.51
N VAL A 6 -8.07 -5.08 0.36
CA VAL A 6 -7.43 -6.26 0.94
C VAL A 6 -7.31 -6.12 2.45
N THR A 7 -7.05 -7.24 3.12
CA THR A 7 -6.79 -7.24 4.55
C THR A 7 -5.46 -7.88 4.88
N VAL A 8 -4.70 -7.24 5.78
CA VAL A 8 -3.41 -7.77 6.21
C VAL A 8 -3.43 -8.12 7.69
N ASN A 9 -2.93 -9.31 8.01
CA ASN A 9 -2.91 -9.78 9.40
C ASN A 9 -1.71 -9.22 10.14
N PRO A 10 -1.83 -9.14 11.46
CA PRO A 10 -0.74 -8.66 12.30
C PRO A 10 0.56 -9.40 12.01
N GLY A 11 1.64 -8.65 11.79
CA GLY A 11 2.95 -9.24 11.60
C GLY A 11 3.17 -9.64 10.15
N GLU A 12 2.08 -9.75 9.39
CA GLU A 12 2.14 -10.22 8.02
C GLU A 12 2.16 -9.06 7.03
N GLU A 13 2.29 -9.38 5.76
CA GLU A 13 2.41 -8.35 4.72
C GLU A 13 1.60 -8.72 3.48
N TYR A 14 1.46 -7.76 2.58
CA TYR A 14 0.77 -8.00 1.31
C TYR A 14 1.42 -7.23 0.17
N GLU A 15 1.51 -7.86 -0.99
CA GLU A 15 2.17 -7.24 -2.14
C GLU A 15 1.16 -6.56 -3.05
N VAL A 16 1.37 -5.28 -3.31
CA VAL A 16 0.54 -4.54 -4.25
C VAL A 16 1.33 -4.18 -5.51
N LYS A 17 0.79 -4.56 -6.66
CA LYS A 17 1.46 -4.32 -7.93
C LYS A 17 0.99 -3.01 -8.56
N VAL A 18 1.92 -2.22 -9.06
CA VAL A 18 1.60 -1.00 -9.78
C VAL A 18 2.15 -1.01 -11.19
N ASN A 19 1.34 -0.62 -12.15
CA ASN A 19 1.75 -0.58 -13.55
C ASN A 19 2.45 0.73 -13.87
N PRO A 20 3.41 0.66 -14.80
CA PRO A 20 4.14 1.85 -15.23
C PRO A 20 3.20 2.97 -15.63
N GLY A 21 3.48 4.17 -15.17
CA GLY A 21 2.73 5.36 -15.59
C GLY A 21 1.63 5.70 -14.60
N THR A 22 1.13 4.68 -13.91
CA THR A 22 -0.08 4.83 -13.09
C THR A 22 0.26 5.39 -11.72
N ARG A 23 -0.76 5.85 -11.01
CA ARG A 23 -0.60 6.32 -9.64
C ARG A 23 -1.44 5.51 -8.66
N VAL A 24 -0.84 5.13 -7.55
CA VAL A 24 -1.52 4.31 -6.54
C VAL A 24 -1.69 5.07 -5.24
N GLU A 25 -2.88 4.96 -4.65
CA GLU A 25 -3.12 5.48 -3.30
C GLU A 25 -3.82 4.45 -2.43
N ILE A 26 -3.26 4.19 -1.26
CA ILE A 26 -3.79 3.17 -0.36
C ILE A 26 -4.07 3.74 1.02
N GLN A 27 -5.29 3.57 1.49
CA GLN A 27 -5.68 4.04 2.82
C GLN A 27 -5.73 2.88 3.82
N ALA A 28 -5.12 3.07 4.98
CA ALA A 28 -5.05 2.03 5.99
C ALA A 28 -6.02 2.32 7.13
N LYS A 29 -6.78 1.30 7.52
CA LYS A 29 -7.61 1.38 8.71
C LYS A 29 -6.87 0.87 9.94
N GLY A 30 -5.79 1.55 10.29
CA GLY A 30 -4.92 1.11 11.37
C GLY A 30 -3.46 1.44 11.09
N PRO A 31 -2.65 1.48 12.13
CA PRO A 31 -1.22 1.73 11.99
C PRO A 31 -0.60 0.76 11.00
N ALA A 32 0.18 1.28 10.06
CA ALA A 32 0.76 0.47 8.99
C ALA A 32 1.99 1.13 8.41
N GLU A 33 2.82 0.34 7.72
CA GLU A 33 3.93 0.87 6.95
C GLU A 33 3.78 0.57 5.47
N PHE A 34 4.26 1.47 4.63
CA PHE A 34 4.30 1.24 3.18
C PHE A 34 5.72 1.35 2.65
N GLU A 35 6.12 0.37 1.85
CA GLU A 35 7.46 0.36 1.25
C GLU A 35 7.38 0.20 -0.26
N GLY A 36 8.15 1.02 -0.97
CA GLY A 36 8.27 0.89 -2.42
C GLY A 36 9.28 1.88 -2.98
N GLY A 37 9.98 1.48 -4.04
CA GLY A 37 10.98 2.33 -4.67
C GLY A 37 12.24 2.43 -3.83
N GLY A 38 12.33 1.60 -2.79
CA GLY A 38 13.47 1.60 -1.89
C GLY A 38 13.22 2.49 -0.69
N THR A 39 12.05 3.14 -0.67
CA THR A 39 11.69 4.04 0.42
C THR A 39 10.51 3.49 1.22
N ARG A 40 10.62 3.59 2.54
CA ARG A 40 9.55 3.17 3.43
C ARG A 40 9.04 4.33 4.28
N THR A 41 7.73 4.42 4.42
CA THR A 41 7.11 5.44 5.27
C THR A 41 6.07 4.83 6.20
N ARG A 42 6.09 5.24 7.46
CA ARG A 42 5.12 4.78 8.43
C ARG A 42 3.88 5.68 8.43
N LEU A 43 2.71 5.07 8.27
CA LEU A 43 1.47 5.82 8.15
C LEU A 43 0.63 5.71 9.42
N ASN A 44 -0.11 6.77 9.73
CA ASN A 44 -1.09 6.72 10.80
C ASN A 44 -2.44 6.24 10.28
N PRO A 45 -3.25 5.69 11.19
CA PRO A 45 -4.60 5.26 10.84
C PRO A 45 -5.42 6.42 10.27
N GLY A 46 -6.07 6.17 9.14
CA GLY A 46 -6.87 7.20 8.48
C GLY A 46 -6.11 7.80 7.30
N GLU A 47 -4.78 7.81 7.40
CA GLU A 47 -3.94 8.39 6.36
C GLU A 47 -3.79 7.46 5.17
N SER A 48 -3.44 8.02 4.03
CA SER A 48 -3.19 7.24 2.83
C SER A 48 -1.75 7.36 2.37
N TYR A 49 -1.25 6.33 1.71
CA TYR A 49 0.08 6.37 1.11
C TYR A 49 0.01 6.42 -0.41
N LYS A 50 0.76 7.34 -1.00
CA LYS A 50 0.75 7.52 -2.45
C LYS A 50 2.05 7.03 -3.07
N PHE A 51 1.95 6.42 -4.24
CA PHE A 51 3.11 5.92 -4.96
C PHE A 51 2.91 5.99 -6.46
N GLU A 52 3.92 6.46 -7.17
CA GLU A 52 3.90 6.48 -8.63
C GLU A 52 4.98 5.57 -9.21
N ASN A 53 4.66 4.91 -10.32
CA ASN A 53 5.64 4.12 -11.04
C ASN A 53 6.19 4.87 -12.25
N LEU A 54 7.36 5.48 -12.07
CA LEU A 54 7.95 6.33 -13.10
C LEU A 54 9.02 5.58 -13.89
N THR A 55 8.93 4.25 -13.88
CA THR A 55 9.93 3.42 -14.55
C THR A 55 9.33 2.72 -15.76
N SER A 56 10.13 1.87 -16.40
CA SER A 56 9.67 1.11 -17.55
C SER A 56 9.27 -0.31 -17.15
N GLN A 57 9.23 -0.56 -15.85
CA GLN A 57 8.91 -1.89 -15.34
C GLN A 57 7.94 -1.79 -14.17
N PRO A 58 7.09 -2.81 -14.04
CA PRO A 58 6.18 -2.90 -12.90
C PRO A 58 6.93 -2.82 -11.58
N LEU A 59 6.34 -2.15 -10.60
CA LEU A 59 6.93 -2.06 -9.27
C LEU A 59 5.98 -2.62 -8.21
N ARG A 60 6.48 -2.74 -6.99
CA ARG A 60 5.70 -3.32 -5.89
C ARG A 60 5.59 -2.34 -4.72
N ILE A 61 4.45 -2.37 -4.05
CA ILE A 61 4.31 -1.71 -2.76
C ILE A 61 3.95 -2.71 -1.66
N ARG A 62 4.77 -2.74 -0.62
CA ARG A 62 4.57 -3.68 0.48
C ARG A 62 3.67 -3.08 1.57
N LEU A 63 2.69 -3.84 2.01
CA LEU A 63 1.89 -3.47 3.18
C LEU A 63 2.35 -4.21 4.42
N ARG A 64 2.42 -3.49 5.54
CA ARG A 64 2.77 -4.10 6.82
C ARG A 64 1.77 -3.71 7.91
N ASN A 65 1.24 -4.71 8.60
CA ASN A 65 0.29 -4.47 9.68
C ASN A 65 1.00 -4.35 11.02
N LEU A 66 1.02 -3.15 11.57
CA LEU A 66 1.76 -2.87 12.79
C LEU A 66 0.98 -3.28 14.02
N SER A 67 -0.32 -3.43 13.86
CA SER A 67 -1.24 -3.50 15.00
C SER A 67 -1.44 -4.94 15.46
N ASP A 68 -2.27 -5.11 16.48
CA ASP A 68 -2.58 -6.45 17.00
C ASP A 68 -3.81 -7.03 16.33
N THR A 69 -4.40 -6.27 15.41
CA THR A 69 -5.59 -6.71 14.70
C THR A 69 -5.44 -6.53 13.19
N PRO A 70 -6.18 -7.33 12.43
CA PRO A 70 -6.19 -7.20 10.98
C PRO A 70 -6.55 -5.78 10.56
N ILE A 71 -5.85 -5.29 9.54
CA ILE A 71 -6.10 -3.94 9.02
C ILE A 71 -6.62 -4.00 7.59
N GLU A 72 -7.69 -3.25 7.33
CA GLU A 72 -8.23 -3.12 5.98
C GLU A 72 -7.46 -2.07 5.18
N PHE A 73 -7.09 -2.42 3.95
CA PHE A 73 -6.41 -1.49 3.06
C PHE A 73 -7.23 -1.26 1.79
N ARG A 74 -7.60 0.00 1.56
CA ARG A 74 -8.34 0.36 0.36
C ARG A 74 -7.40 0.83 -0.75
N ILE A 75 -7.34 0.07 -1.84
CA ILE A 75 -6.32 0.26 -2.86
C ILE A 75 -6.91 0.83 -4.13
N ARG A 76 -6.43 1.99 -4.54
CA ARG A 76 -6.88 2.63 -5.77
C ARG A 76 -5.71 2.91 -6.71
N GLU A 77 -5.91 2.60 -7.99
CA GLU A 77 -4.89 2.85 -8.99
C GLU A 77 -5.46 3.58 -10.20
N GLU A 78 -4.76 4.61 -10.64
CA GLU A 78 -5.20 5.42 -11.77
C GLU A 78 -4.58 4.93 -13.08
N THR A 1 -5.93 -1.45 -12.66
CA THR A 1 -6.50 -0.11 -12.79
C THR A 1 -7.95 -0.08 -12.30
N ARG A 2 -8.14 -0.38 -11.03
CA ARG A 2 -9.47 -0.32 -10.42
C ARG A 2 -9.38 -0.25 -8.90
N GLU A 3 -10.51 0.02 -8.26
CA GLU A 3 -10.57 0.07 -6.80
C GLU A 3 -10.57 -1.33 -6.21
N THR A 4 -9.65 -1.57 -5.27
CA THR A 4 -9.51 -2.88 -4.66
C THR A 4 -9.38 -2.76 -3.14
N LYS A 5 -9.46 -3.90 -2.46
CA LYS A 5 -9.34 -3.93 -1.01
C LYS A 5 -8.40 -5.04 -0.55
N VAL A 6 -7.56 -4.73 0.43
CA VAL A 6 -6.63 -5.71 0.98
C VAL A 6 -6.76 -5.80 2.49
N THR A 7 -6.75 -7.02 3.01
CA THR A 7 -6.72 -7.25 4.45
C THR A 7 -5.42 -7.95 4.87
N VAL A 8 -4.77 -7.41 5.89
CA VAL A 8 -3.48 -7.92 6.33
C VAL A 8 -3.51 -8.26 7.82
N ASN A 9 -3.03 -9.45 8.16
CA ASN A 9 -2.96 -9.87 9.55
C ASN A 9 -1.69 -9.38 10.22
N PRO A 10 -1.71 -9.31 11.55
CA PRO A 10 -0.55 -8.87 12.31
C PRO A 10 0.70 -9.64 11.91
N GLY A 11 1.76 -8.91 11.58
CA GLY A 11 3.02 -9.52 11.19
C GLY A 11 3.02 -9.91 9.71
N GLU A 12 1.83 -9.98 9.13
CA GLU A 12 1.69 -10.39 7.74
C GLU A 12 1.99 -9.23 6.79
N GLU A 13 2.47 -9.55 5.60
CA GLU A 13 2.72 -8.56 4.57
C GLU A 13 1.94 -8.87 3.30
N TYR A 14 1.46 -7.83 2.62
CA TYR A 14 0.89 -7.98 1.30
C TYR A 14 1.64 -7.14 0.27
N GLU A 15 1.38 -7.39 -1.00
CA GLU A 15 2.05 -6.67 -2.08
C GLU A 15 1.04 -6.09 -3.07
N VAL A 16 1.08 -4.78 -3.24
CA VAL A 16 0.23 -4.11 -4.23
C VAL A 16 1.05 -3.66 -5.44
N LYS A 17 0.61 -4.07 -6.62
CA LYS A 17 1.36 -3.79 -7.84
C LYS A 17 0.99 -2.44 -8.43
N VAL A 18 1.92 -1.83 -9.15
CA VAL A 18 1.62 -0.66 -9.97
C VAL A 18 2.35 -0.72 -11.31
N ASN A 19 1.62 -0.45 -12.38
CA ASN A 19 2.18 -0.53 -13.73
C ASN A 19 2.80 0.79 -14.15
N PRO A 20 3.79 0.73 -15.04
CA PRO A 20 4.46 1.93 -15.52
C PRO A 20 3.45 2.96 -16.02
N GLY A 21 3.62 4.20 -15.57
CA GLY A 21 2.79 5.30 -16.03
C GLY A 21 1.67 5.60 -15.04
N THR A 22 1.21 4.56 -14.35
CA THR A 22 0.01 4.66 -13.51
C THR A 22 0.36 5.19 -12.12
N ARG A 23 -0.66 5.63 -11.39
CA ARG A 23 -0.48 6.11 -10.03
C ARG A 23 -1.43 5.42 -9.07
N VAL A 24 -0.97 5.17 -7.85
CA VAL A 24 -1.74 4.44 -6.86
C VAL A 24 -1.74 5.16 -5.51
N GLU A 25 -2.90 5.19 -4.87
CA GLU A 25 -2.99 5.66 -3.50
C GLU A 25 -3.63 4.62 -2.59
N ILE A 26 -2.99 4.35 -1.45
CA ILE A 26 -3.49 3.36 -0.51
C ILE A 26 -3.81 3.99 0.84
N GLN A 27 -5.06 3.85 1.27
CA GLN A 27 -5.50 4.36 2.56
C GLN A 27 -5.52 3.26 3.61
N ALA A 28 -4.93 3.53 4.77
CA ALA A 28 -4.85 2.55 5.84
C ALA A 28 -5.97 2.74 6.85
N LYS A 29 -6.55 1.63 7.31
CA LYS A 29 -7.50 1.65 8.40
C LYS A 29 -6.85 1.26 9.71
N GLY A 30 -5.52 1.18 9.71
CA GLY A 30 -4.77 0.81 10.90
C GLY A 30 -3.28 1.04 10.71
N PRO A 31 -2.53 1.01 11.81
CA PRO A 31 -1.09 1.20 11.77
C PRO A 31 -0.44 0.27 10.75
N ALA A 32 0.34 0.85 9.84
CA ALA A 32 0.92 0.09 8.73
C ALA A 32 2.25 0.68 8.29
N GLU A 33 3.11 -0.16 7.75
CA GLU A 33 4.36 0.30 7.14
C GLU A 33 4.38 0.02 5.64
N PHE A 34 4.80 1.01 4.86
CA PHE A 34 4.88 0.87 3.41
C PHE A 34 6.33 0.86 2.94
N GLU A 35 6.72 -0.23 2.30
CA GLU A 35 8.09 -0.39 1.83
C GLU A 35 8.13 -0.64 0.32
N GLY A 36 8.96 0.14 -0.38
CA GLY A 36 9.15 -0.05 -1.81
C GLY A 36 9.29 1.29 -2.52
N GLY A 37 9.79 1.25 -3.75
CA GLY A 37 9.95 2.46 -4.55
C GLY A 37 11.15 3.28 -4.09
N GLY A 38 11.93 2.71 -3.16
CA GLY A 38 13.05 3.43 -2.56
C GLY A 38 12.59 4.30 -1.40
N THR A 39 11.33 4.15 -1.02
CA THR A 39 10.76 4.96 0.05
C THR A 39 10.39 4.11 1.26
N ARG A 40 10.16 4.76 2.39
CA ARG A 40 9.65 4.08 3.58
C ARG A 40 8.72 5.00 4.38
N THR A 41 7.45 4.61 4.47
CA THR A 41 6.44 5.45 5.11
C THR A 41 5.54 4.62 6.01
N ARG A 42 5.23 5.16 7.18
CA ARG A 42 4.23 4.58 8.06
C ARG A 42 3.01 5.47 8.19
N LEU A 43 1.84 4.87 8.24
CA LEU A 43 0.59 5.62 8.29
C LEU A 43 -0.11 5.45 9.64
N ASN A 44 -0.80 6.49 10.08
CA ASN A 44 -1.85 6.35 11.08
C ASN A 44 -3.19 6.05 10.43
N PRO A 45 -4.11 5.51 11.23
CA PRO A 45 -5.47 5.25 10.76
C PRO A 45 -6.07 6.48 10.08
N GLY A 46 -6.58 6.30 8.87
CA GLY A 46 -7.21 7.39 8.13
C GLY A 46 -6.26 7.96 7.08
N GLU A 47 -4.96 7.86 7.35
CA GLU A 47 -3.96 8.42 6.45
C GLU A 47 -3.73 7.53 5.24
N SER A 48 -3.12 8.08 4.21
CA SER A 48 -2.89 7.35 2.96
C SER A 48 -1.46 7.52 2.47
N TYR A 49 -1.01 6.56 1.67
CA TYR A 49 0.32 6.63 1.06
C TYR A 49 0.23 6.67 -0.46
N LYS A 50 0.89 7.65 -1.06
CA LYS A 50 0.83 7.84 -2.51
C LYS A 50 2.14 7.42 -3.16
N PHE A 51 2.04 6.75 -4.30
CA PHE A 51 3.21 6.40 -5.09
C PHE A 51 2.85 6.20 -6.56
N GLU A 52 3.86 6.20 -7.42
CA GLU A 52 3.66 6.01 -8.85
C GLU A 52 4.84 5.30 -9.49
N ASN A 53 4.62 4.71 -10.65
CA ASN A 53 5.65 3.92 -11.32
C ASN A 53 6.31 4.71 -12.44
N LEU A 54 7.53 5.16 -12.19
CA LEU A 54 8.26 5.98 -13.16
C LEU A 54 9.34 5.15 -13.85
N THR A 55 9.18 3.83 -13.83
CA THR A 55 10.17 2.94 -14.41
C THR A 55 9.62 2.22 -15.63
N SER A 56 10.38 1.24 -16.12
CA SER A 56 9.96 0.46 -17.29
C SER A 56 9.42 -0.90 -16.87
N GLN A 57 9.30 -1.10 -15.57
CA GLN A 57 8.83 -2.38 -15.02
C GLN A 57 7.84 -2.18 -13.88
N PRO A 58 6.88 -3.09 -13.77
CA PRO A 58 5.93 -3.06 -12.66
C PRO A 58 6.65 -3.03 -11.32
N LEU A 59 6.11 -2.24 -10.39
CA LEU A 59 6.68 -2.16 -9.05
C LEU A 59 5.69 -2.67 -8.01
N ARG A 60 6.21 -2.97 -6.81
CA ARG A 60 5.37 -3.45 -5.72
C ARG A 60 5.63 -2.67 -4.44
N ILE A 61 4.56 -2.37 -3.71
CA ILE A 61 4.67 -1.81 -2.37
C ILE A 61 4.20 -2.81 -1.32
N ARG A 62 5.04 -3.03 -0.31
CA ARG A 62 4.72 -3.98 0.76
C ARG A 62 3.82 -3.33 1.80
N LEU A 63 2.77 -4.05 2.20
CA LEU A 63 1.87 -3.58 3.25
C LEU A 63 2.03 -4.42 4.52
N ARG A 64 2.70 -3.84 5.51
CA ARG A 64 2.98 -4.56 6.76
C ARG A 64 2.06 -4.09 7.87
N ASN A 65 1.38 -5.05 8.51
CA ASN A 65 0.48 -4.74 9.61
C ASN A 65 1.23 -4.58 10.92
N LEU A 66 1.26 -3.36 11.44
CA LEU A 66 2.05 -3.05 12.63
C LEU A 66 1.25 -3.25 13.91
N SER A 67 -0.02 -3.58 13.75
CA SER A 67 -0.95 -3.62 14.88
C SER A 67 -1.03 -5.03 15.47
N ASP A 68 -1.86 -5.18 16.49
CA ASP A 68 -2.11 -6.50 17.09
C ASP A 68 -3.37 -7.12 16.49
N THR A 69 -4.09 -6.36 15.69
CA THR A 69 -5.29 -6.84 15.03
C THR A 69 -5.22 -6.66 13.52
N PRO A 70 -5.98 -7.45 12.79
CA PRO A 70 -6.06 -7.32 11.34
C PRO A 70 -6.46 -5.91 10.94
N ILE A 71 -5.88 -5.42 9.84
CA ILE A 71 -6.20 -4.09 9.33
C ILE A 71 -6.61 -4.15 7.87
N GLU A 72 -7.37 -3.14 7.44
CA GLU A 72 -7.82 -3.07 6.05
C GLU A 72 -7.06 -1.97 5.30
N PHE A 73 -6.88 -2.18 4.00
CA PHE A 73 -6.41 -1.12 3.11
C PHE A 73 -7.40 -0.86 1.99
N ARG A 74 -7.56 0.41 1.63
CA ARG A 74 -8.34 0.78 0.46
C ARG A 74 -7.45 1.33 -0.65
N ILE A 75 -7.47 0.68 -1.80
CA ILE A 75 -6.52 0.98 -2.88
C ILE A 75 -7.22 1.61 -4.06
N ARG A 76 -6.75 2.79 -4.46
CA ARG A 76 -7.27 3.46 -5.65
C ARG A 76 -6.20 3.59 -6.72
N GLU A 77 -6.53 3.19 -7.94
CA GLU A 77 -5.58 3.24 -9.05
C GLU A 77 -5.97 4.30 -10.07
N GLU A 78 -4.97 4.91 -10.69
CA GLU A 78 -5.20 5.82 -11.82
C GLU A 78 -4.55 5.29 -13.10
N THR A 1 -9.82 3.08 -14.19
CA THR A 1 -9.77 3.24 -12.74
C THR A 1 -10.09 1.93 -12.02
N ARG A 2 -9.28 1.61 -11.02
CA ARG A 2 -9.46 0.37 -10.26
C ARG A 2 -9.52 0.65 -8.76
N GLU A 3 -10.39 -0.06 -8.06
CA GLU A 3 -10.47 0.02 -6.62
C GLU A 3 -10.69 -1.35 -5.99
N THR A 4 -9.90 -1.66 -4.96
CA THR A 4 -10.03 -2.93 -4.26
C THR A 4 -9.70 -2.78 -2.78
N LYS A 5 -9.68 -3.90 -2.07
CA LYS A 5 -9.41 -3.88 -0.63
C LYS A 5 -8.82 -5.21 -0.17
N VAL A 6 -7.83 -5.13 0.72
CA VAL A 6 -7.27 -6.32 1.34
C VAL A 6 -7.28 -6.22 2.86
N THR A 7 -7.41 -7.37 3.52
CA THR A 7 -7.30 -7.43 4.97
C THR A 7 -6.00 -8.10 5.41
N VAL A 8 -5.26 -7.43 6.29
CA VAL A 8 -3.92 -7.86 6.65
C VAL A 8 -3.82 -8.17 8.13
N ASN A 9 -3.32 -9.36 8.45
CA ASN A 9 -3.13 -9.77 9.84
C ASN A 9 -1.83 -9.24 10.40
N PRO A 10 -1.76 -9.10 11.73
CA PRO A 10 -0.55 -8.64 12.39
C PRO A 10 0.66 -9.42 11.94
N GLY A 11 1.69 -8.71 11.48
CA GLY A 11 2.92 -9.34 11.02
C GLY A 11 2.84 -9.71 9.54
N GLU A 12 1.62 -9.81 9.03
CA GLU A 12 1.39 -10.22 7.66
C GLU A 12 1.63 -9.06 6.69
N GLU A 13 2.09 -9.39 5.48
CA GLU A 13 2.24 -8.39 4.43
C GLU A 13 1.48 -8.81 3.17
N TYR A 14 0.86 -7.84 2.51
CA TYR A 14 0.26 -8.07 1.21
C TYR A 14 1.04 -7.36 0.10
N GLU A 15 1.00 -7.94 -1.10
CA GLU A 15 1.69 -7.36 -2.24
C GLU A 15 0.72 -6.66 -3.18
N VAL A 16 1.02 -5.41 -3.51
CA VAL A 16 0.24 -4.67 -4.51
C VAL A 16 1.13 -4.15 -5.62
N LYS A 17 0.68 -4.31 -6.86
CA LYS A 17 1.44 -3.88 -8.02
C LYS A 17 1.10 -2.45 -8.41
N VAL A 18 2.08 -1.74 -8.94
CA VAL A 18 1.85 -0.42 -9.53
C VAL A 18 2.28 -0.38 -10.98
N ASN A 19 1.34 -0.04 -11.86
CA ASN A 19 1.58 -0.06 -13.29
C ASN A 19 2.32 1.19 -13.75
N PRO A 20 3.26 1.01 -14.68
CA PRO A 20 4.02 2.12 -15.23
C PRO A 20 3.10 3.22 -15.72
N GLY A 21 3.42 4.47 -15.36
CA GLY A 21 2.69 5.62 -15.87
C GLY A 21 1.51 5.97 -14.96
N THR A 22 1.14 5.02 -14.10
CA THR A 22 -0.02 5.19 -13.25
C THR A 22 0.38 5.56 -11.83
N ARG A 23 -0.61 5.96 -11.03
CA ARG A 23 -0.40 6.16 -9.59
C ARG A 23 -1.39 5.34 -8.78
N VAL A 24 -0.94 4.86 -7.62
CA VAL A 24 -1.80 4.10 -6.73
C VAL A 24 -1.82 4.70 -5.32
N GLU A 25 -3.01 4.93 -4.80
CA GLU A 25 -3.17 5.46 -3.45
C GLU A 25 -3.76 4.40 -2.51
N ILE A 26 -3.12 4.21 -1.36
CA ILE A 26 -3.60 3.26 -0.37
C ILE A 26 -3.94 3.96 0.95
N GLN A 27 -5.16 3.75 1.43
CA GLN A 27 -5.58 4.27 2.72
C GLN A 27 -5.63 3.17 3.77
N ALA A 28 -5.04 3.45 4.94
CA ALA A 28 -4.96 2.45 6.00
C ALA A 28 -6.07 2.66 7.03
N LYS A 29 -6.60 1.55 7.55
CA LYS A 29 -7.52 1.61 8.68
C LYS A 29 -6.83 1.23 9.98
N GLY A 30 -5.51 1.27 9.98
CA GLY A 30 -4.73 0.98 11.17
C GLY A 30 -3.24 1.20 10.93
N PRO A 31 -2.46 1.20 12.00
CA PRO A 31 -1.01 1.38 11.91
C PRO A 31 -0.40 0.43 10.89
N ALA A 32 0.41 0.97 9.99
CA ALA A 32 0.95 0.19 8.88
C ALA A 32 2.33 0.69 8.48
N GLU A 33 3.11 -0.19 7.87
CA GLU A 33 4.37 0.20 7.24
C GLU A 33 4.30 0.07 5.72
N PHE A 34 4.76 1.11 5.03
CA PHE A 34 4.76 1.10 3.56
C PHE A 34 6.18 1.10 3.01
N GLU A 35 6.41 0.33 1.96
CA GLU A 35 7.67 0.37 1.24
C GLU A 35 7.46 0.14 -0.25
N GLY A 36 8.16 0.92 -1.07
CA GLY A 36 8.11 0.75 -2.52
C GLY A 36 8.37 2.06 -3.24
N GLY A 37 8.73 1.97 -4.51
CA GLY A 37 8.96 3.17 -5.33
C GLY A 37 10.27 3.86 -4.94
N GLY A 38 11.07 3.17 -4.13
CA GLY A 38 12.31 3.74 -3.62
C GLY A 38 12.07 4.53 -2.34
N THR A 39 10.84 4.47 -1.84
CA THR A 39 10.47 5.20 -0.63
C THR A 39 9.94 4.25 0.44
N ARG A 40 9.76 4.78 1.65
CA ARG A 40 9.08 4.04 2.71
C ARG A 40 8.61 4.97 3.81
N THR A 41 7.60 4.53 4.56
CA THR A 41 7.07 5.32 5.67
C THR A 41 6.16 4.48 6.55
N ARG A 42 5.99 4.91 7.80
CA ARG A 42 4.83 4.51 8.60
C ARG A 42 3.60 5.32 8.23
N LEU A 43 2.43 4.76 8.49
CA LEU A 43 1.17 5.43 8.20
C LEU A 43 0.16 5.21 9.31
N ASN A 44 -0.56 6.27 9.66
CA ASN A 44 -1.60 6.18 10.68
C ASN A 44 -2.97 5.87 10.07
N PRO A 45 -3.86 5.31 10.87
CA PRO A 45 -5.23 5.08 10.45
C PRO A 45 -5.89 6.37 9.97
N GLY A 46 -6.56 6.29 8.82
CA GLY A 46 -7.21 7.45 8.23
C GLY A 46 -6.35 8.08 7.15
N GLU A 47 -5.04 7.96 7.29
CA GLU A 47 -4.10 8.56 6.35
C GLU A 47 -3.92 7.68 5.12
N SER A 48 -3.37 8.25 4.05
CA SER A 48 -3.10 7.51 2.83
C SER A 48 -1.69 7.80 2.32
N TYR A 49 -1.17 6.90 1.48
CA TYR A 49 0.15 7.08 0.89
C TYR A 49 0.15 6.67 -0.58
N LYS A 50 0.77 7.49 -1.42
CA LYS A 50 0.70 7.32 -2.87
C LYS A 50 2.00 6.75 -3.42
N PHE A 51 1.88 5.92 -4.45
CA PHE A 51 3.04 5.47 -5.21
C PHE A 51 2.94 5.89 -6.67
N GLU A 52 4.09 6.14 -7.28
CA GLU A 52 4.14 6.44 -8.71
C GLU A 52 5.22 5.61 -9.41
N ASN A 53 4.84 4.97 -10.50
CA ASN A 53 5.78 4.10 -11.23
C ASN A 53 6.30 4.79 -12.48
N LEU A 54 7.55 5.25 -12.41
CA LEU A 54 8.17 5.95 -13.53
C LEU A 54 9.19 5.07 -14.23
N THR A 55 9.03 3.76 -14.09
CA THR A 55 9.98 2.81 -14.67
C THR A 55 9.38 2.10 -15.88
N SER A 56 10.13 1.15 -16.42
CA SER A 56 9.68 0.40 -17.59
C SER A 56 9.05 -0.93 -17.18
N GLN A 57 8.89 -1.12 -15.88
CA GLN A 57 8.34 -2.36 -15.35
C GLN A 57 7.42 -2.11 -14.17
N PRO A 58 6.45 -2.98 -13.97
CA PRO A 58 5.60 -2.93 -12.79
C PRO A 58 6.42 -2.96 -11.50
N LEU A 59 6.01 -2.17 -10.53
CA LEU A 59 6.67 -2.15 -9.22
C LEU A 59 5.80 -2.80 -8.16
N ARG A 60 6.44 -3.32 -7.12
CA ARG A 60 5.72 -3.92 -6.00
C ARG A 60 5.84 -3.04 -4.75
N ILE A 61 4.75 -2.96 -4.00
CA ILE A 61 4.78 -2.28 -2.70
C ILE A 61 4.36 -3.23 -1.58
N ARG A 62 4.91 -3.02 -0.39
CA ARG A 62 4.59 -3.84 0.76
C ARG A 62 3.56 -3.16 1.65
N LEU A 63 2.52 -3.90 2.03
CA LEU A 63 1.55 -3.43 3.00
C LEU A 63 1.62 -4.25 4.28
N ARG A 64 2.30 -3.72 5.29
CA ARG A 64 2.54 -4.46 6.52
C ARG A 64 1.65 -3.97 7.66
N ASN A 65 1.02 -4.91 8.36
CA ASN A 65 0.20 -4.57 9.52
C ASN A 65 1.03 -4.50 10.78
N LEU A 66 1.12 -3.30 11.35
CA LEU A 66 1.95 -3.08 12.54
C LEU A 66 1.16 -3.27 13.82
N SER A 67 -0.15 -3.45 13.68
CA SER A 67 -1.06 -3.41 14.81
C SER A 67 -1.14 -4.75 15.50
N ASP A 68 -1.96 -4.85 16.54
CA ASP A 68 -2.21 -6.11 17.23
C ASP A 68 -3.43 -6.81 16.65
N THR A 69 -4.22 -6.08 15.87
CA THR A 69 -5.40 -6.64 15.23
C THR A 69 -5.36 -6.46 13.73
N PRO A 70 -6.12 -7.29 13.02
CA PRO A 70 -6.22 -7.18 11.57
C PRO A 70 -6.67 -5.78 11.15
N ILE A 71 -6.10 -5.29 10.06
CA ILE A 71 -6.48 -3.98 9.52
C ILE A 71 -6.80 -4.08 8.03
N GLU A 72 -7.51 -3.08 7.52
CA GLU A 72 -7.86 -3.04 6.11
C GLU A 72 -6.97 -2.04 5.36
N PHE A 73 -6.70 -2.33 4.09
CA PHE A 73 -6.14 -1.35 3.18
C PHE A 73 -7.07 -1.12 1.99
N ARG A 74 -7.34 0.15 1.70
CA ARG A 74 -8.13 0.52 0.53
C ARG A 74 -7.26 1.04 -0.60
N ILE A 75 -7.28 0.35 -1.72
CA ILE A 75 -6.34 0.61 -2.81
C ILE A 75 -7.05 1.15 -4.04
N ARG A 76 -6.62 2.30 -4.52
CA ARG A 76 -7.21 2.93 -5.70
C ARG A 76 -6.15 3.28 -6.72
N GLU A 77 -6.37 2.85 -7.97
CA GLU A 77 -5.43 3.11 -9.05
C GLU A 77 -5.99 4.11 -10.04
N GLU A 78 -5.22 5.17 -10.32
CA GLU A 78 -5.64 6.20 -11.24
C GLU A 78 -4.59 6.44 -12.32
#